data_3O83
#
_entry.id   3O83
#
_cell.length_a   66.460
_cell.length_b   144.238
_cell.length_c   148.469
_cell.angle_alpha   90.00
_cell.angle_beta   90.00
_cell.angle_gamma   90.00
#
_symmetry.space_group_name_H-M   'P 21 21 21'
#
loop_
_entity.id
_entity.type
_entity.pdbx_description
1 polymer 'Peptide arylation enzyme'
2 non-polymer "2-(4-dodecyl-1H-1,2,3-triazol-1-yl)-5'-O-{[(2-hydroxyphenyl)carbonyl]sulfamoyl}adenosine"
3 non-polymer 'CALCIUM ION'
4 non-polymer (4S)-2-METHYL-2,4-PENTANEDIOL
5 non-polymer (4R)-2-METHYLPENTANE-2,4-DIOL
6 water water
#
_entity_poly.entity_id   1
_entity_poly.type   'polypeptide(L)'
_entity_poly.pdbx_seq_one_letter_code
;GHMKKQLIEFVRWSPERAQHYRNKGYWIDQPLTRILTVGVQSHPHSLAIICGERQLSYIELDRLSTNLATRLAEKGLGKG
DTALVQLPNVAEFYIVFFALLKAGVVVLNALYSHRQYELNAFIKQIQPKLLIGSRQHEVFSNNQFIDSLHDVNLSPEIIL
MLNHQATDFGLLDWIETPAETFVDFSSTPADEVAFFQLSGGSTGTPKLIPRTHNDYDYSVRASAEICGLNSNTRLLCALP
APHNFMLSSPGALGVLHAGGCVVMAPNPEPLNCFSIIQRHQVNMASLVPSAVIMWLEKAAQYKDQIQSLKLLQVGGASFP
ESLARQVPEVLNCKLQQVFGMAEGLVNYTRLDDSDEQIFTTQGRPISSDDEIKIVDEQYREVPEGEIGMLATRGPYTFCG
YYQSPEHNSQVFDEDNYYYSGDLVQRTPDGNLRVVGRIKDQINRGGEKIASEEIEKLILLHPEVMHAALVAIVDEQFGEK
SCAFIVSRNPELKAVVLRRHLMELGIAQYKLPDQIKLIESLPLTAVGKVDKKQLRSILNTSTTS
;
_entity_poly.pdbx_strand_id   A,B
#
loop_
_chem_comp.id
_chem_comp.type
_chem_comp.name
_chem_comp.formula
CA non-polymer 'CALCIUM ION' 'Ca 2'
IXN non-polymer 2-(4-dodecyl-1H-1,2,3-triazol-1-yl)-5'-O-{[(2-hydroxyphenyl)carbonyl]sulfamoyl}adenosine 'C31 H43 N9 O8 S'
MPD non-polymer (4S)-2-METHYL-2,4-PENTANEDIOL 'C6 H14 O2'
MRD non-polymer (4R)-2-METHYLPENTANE-2,4-DIOL 'C6 H14 O2'
#
# COMPACT_ATOMS: atom_id res chain seq x y z
N LYS A 5 -28.41 24.97 -10.06
CA LYS A 5 -28.45 26.22 -9.24
C LYS A 5 -27.48 26.19 -8.05
N GLN A 6 -27.49 25.14 -7.24
CA GLN A 6 -26.65 25.13 -6.03
C GLN A 6 -25.23 24.53 -6.23
N LEU A 7 -24.21 25.35 -6.00
CA LEU A 7 -22.82 24.91 -6.16
C LEU A 7 -22.38 23.99 -5.02
N ILE A 8 -21.46 23.07 -5.33
CA ILE A 8 -20.88 22.19 -4.31
C ILE A 8 -20.43 22.99 -3.09
N GLU A 9 -20.80 22.47 -1.91
CA GLU A 9 -20.42 23.09 -0.64
C GLU A 9 -19.02 22.71 -0.19
N PHE A 10 -18.33 23.65 0.45
CA PHE A 10 -16.97 23.45 0.93
C PHE A 10 -16.69 24.48 2.00
N VAL A 11 -15.59 24.32 2.73
CA VAL A 11 -15.21 25.28 3.76
C VAL A 11 -14.35 26.37 3.17
N ARG A 12 -14.83 27.61 3.27
CA ARG A 12 -14.17 28.77 2.69
C ARG A 12 -13.04 29.25 3.58
N TRP A 13 -12.04 29.89 2.98
CA TRP A 13 -11.06 30.67 3.72
C TRP A 13 -11.80 31.87 4.33
N SER A 14 -11.31 32.41 5.46
CA SER A 14 -11.85 33.67 5.98
C SER A 14 -11.73 34.77 4.91
N PRO A 15 -12.66 35.76 4.89
CA PRO A 15 -12.53 36.81 3.87
C PRO A 15 -11.22 37.62 3.96
N GLU A 16 -10.63 37.72 5.15
CA GLU A 16 -9.36 38.46 5.32
C GLU A 16 -8.21 37.75 4.58
N ARG A 17 -8.18 36.43 4.71
CA ARG A 17 -7.18 35.62 4.03
C ARG A 17 -7.39 35.66 2.52
N ALA A 18 -8.65 35.59 2.10
CA ALA A 18 -8.97 35.60 0.67
C ALA A 18 -8.49 36.90 0.03
N GLN A 19 -8.75 38.04 0.69
CA GLN A 19 -8.30 39.32 0.18
C GLN A 19 -6.77 39.37 0.13
N HIS A 20 -6.12 38.92 1.21
CA HIS A 20 -4.65 38.89 1.23
C HIS A 20 -4.07 38.08 0.04
N TYR A 21 -4.64 36.91 -0.22
CA TYR A 21 -4.11 36.08 -1.31
C TYR A 21 -4.33 36.68 -2.70
N ARG A 22 -5.42 37.43 -2.86
CA ARG A 22 -5.62 38.23 -4.08
C ARG A 22 -4.63 39.39 -4.14
N ASN A 23 -4.48 40.13 -3.04
CA ASN A 23 -3.53 41.26 -3.00
C ASN A 23 -2.12 40.82 -3.36
N LYS A 24 -1.72 39.62 -2.91
CA LYS A 24 -0.37 39.10 -3.21
C LYS A 24 -0.25 38.57 -4.64
N GLY A 25 -1.38 38.45 -5.34
CA GLY A 25 -1.36 37.92 -6.69
C GLY A 25 -1.38 36.39 -6.76
N TYR A 26 -1.62 35.72 -5.63
CA TYR A 26 -1.73 34.26 -5.61
C TYR A 26 -3.04 33.81 -6.27
N TRP A 27 -4.15 34.39 -5.83
CA TRP A 27 -5.44 34.08 -6.42
C TRP A 27 -5.71 35.12 -7.50
N ILE A 28 -5.82 34.66 -8.75
CA ILE A 28 -6.05 35.58 -9.87
C ILE A 28 -7.45 35.46 -10.45
N ASP A 29 -8.29 34.67 -9.77
CA ASP A 29 -9.70 34.49 -10.11
C ASP A 29 -9.97 34.05 -11.55
N GLN A 30 -9.16 33.11 -12.02
CA GLN A 30 -9.33 32.50 -13.33
C GLN A 30 -9.62 31.01 -13.16
N PRO A 31 -10.45 30.44 -14.06
CA PRO A 31 -10.65 29.00 -13.98
C PRO A 31 -9.36 28.24 -14.37
N LEU A 32 -9.25 26.98 -13.97
CA LEU A 32 -8.09 26.13 -14.33
C LEU A 32 -7.92 25.99 -15.85
N THR A 33 -9.00 26.23 -16.59
CA THR A 33 -8.93 26.17 -18.06
C THR A 33 -8.02 27.27 -18.62
N ARG A 34 -7.69 28.27 -17.79
CA ARG A 34 -6.71 29.30 -18.13
C ARG A 34 -5.47 28.68 -18.79
N ILE A 35 -4.96 27.61 -18.18
CA ILE A 35 -3.75 26.94 -18.65
C ILE A 35 -3.87 26.61 -20.14
N LEU A 36 -5.00 26.02 -20.51
CA LEU A 36 -5.28 25.62 -21.88
C LEU A 36 -5.58 26.81 -22.80
N THR A 37 -6.44 27.72 -22.35
CA THR A 37 -6.78 28.94 -23.08
C THR A 37 -5.54 29.74 -23.48
N VAL A 38 -4.66 29.98 -22.51
CA VAL A 38 -3.48 30.82 -22.75
C VAL A 38 -2.50 30.10 -23.69
N GLY A 39 -2.30 28.80 -23.47
CA GLY A 39 -1.46 27.99 -24.36
C GLY A 39 -1.93 28.04 -25.80
N VAL A 40 -3.23 27.91 -26.00
CA VAL A 40 -3.83 28.00 -27.34
C VAL A 40 -3.59 29.37 -27.99
N GLN A 41 -3.75 30.45 -27.23
CA GLN A 41 -3.44 31.81 -27.70
C GLN A 41 -1.98 31.93 -28.15
N SER A 42 -1.05 31.43 -27.33
CA SER A 42 0.40 31.66 -27.53
C SER A 42 1.10 30.68 -28.45
N HIS A 43 0.71 29.41 -28.40
CA HIS A 43 1.46 28.36 -29.12
C HIS A 43 0.53 27.19 -29.42
N PRO A 44 -0.51 27.44 -30.24
CA PRO A 44 -1.56 26.45 -30.48
C PRO A 44 -1.01 25.12 -30.99
N HIS A 45 0.09 25.16 -31.73
CA HIS A 45 0.61 23.97 -32.41
C HIS A 45 1.78 23.27 -31.68
N SER A 46 2.23 23.80 -30.56
CA SER A 46 3.19 23.07 -29.72
C SER A 46 2.54 21.82 -29.19
N LEU A 47 3.34 20.78 -28.94
CA LEU A 47 2.83 19.56 -28.33
C LEU A 47 2.50 19.74 -26.84
N ALA A 48 1.31 19.31 -26.47
CA ALA A 48 0.87 19.38 -25.08
C ALA A 48 0.94 18.00 -24.45
N ILE A 49 0.54 16.98 -25.19
CA ILE A 49 0.57 15.60 -24.67
C ILE A 49 1.13 14.62 -25.71
N ILE A 50 2.07 13.80 -25.26
CA ILE A 50 2.57 12.65 -26.04
C ILE A 50 2.11 11.41 -25.33
N CYS A 51 1.37 10.56 -26.05
CA CYS A 51 0.82 9.34 -25.48
C CYS A 51 0.92 8.19 -26.49
N GLY A 52 1.86 7.28 -26.25
CA GLY A 52 2.08 6.16 -27.16
C GLY A 52 2.52 6.73 -28.51
N GLU A 53 1.72 6.46 -29.55
CA GLU A 53 1.98 6.99 -30.89
C GLU A 53 1.29 8.35 -31.16
N ARG A 54 0.52 8.83 -30.18
CA ARG A 54 -0.24 10.06 -30.36
C ARG A 54 0.55 11.32 -29.96
N GLN A 55 0.25 12.40 -30.66
CA GLN A 55 0.80 13.71 -30.34
C GLN A 55 -0.36 14.68 -30.36
N LEU A 56 -0.73 15.19 -29.19
CA LEU A 56 -1.80 16.19 -29.08
C LEU A 56 -1.21 17.56 -28.86
N SER A 57 -1.54 18.49 -29.77
CA SER A 57 -1.12 19.86 -29.60
C SER A 57 -2.02 20.58 -28.57
N TYR A 58 -1.63 21.79 -28.19
CA TYR A 58 -2.44 22.61 -27.32
C TYR A 58 -3.83 22.84 -27.91
N ILE A 59 -3.90 23.24 -29.19
CA ILE A 59 -5.21 23.51 -29.81
C ILE A 59 -6.06 22.25 -29.96
N GLU A 60 -5.41 21.11 -30.23
CA GLU A 60 -6.14 19.84 -30.30
C GLU A 60 -6.71 19.46 -28.94
N LEU A 61 -5.89 19.59 -27.89
CA LEU A 61 -6.37 19.34 -26.53
C LEU A 61 -7.57 20.24 -26.21
N ASP A 62 -7.48 21.49 -26.63
CA ASP A 62 -8.55 22.46 -26.40
C ASP A 62 -9.82 22.05 -27.16
N ARG A 63 -9.68 21.79 -28.46
CA ARG A 63 -10.84 21.36 -29.30
C ARG A 63 -11.54 20.12 -28.77
N LEU A 64 -10.76 19.10 -28.42
CA LEU A 64 -11.31 17.82 -27.95
C LEU A 64 -12.01 17.91 -26.61
N SER A 65 -11.43 18.67 -25.68
CA SER A 65 -12.07 18.90 -24.41
C SER A 65 -13.31 19.79 -24.59
N THR A 66 -13.25 20.74 -25.51
CA THR A 66 -14.45 21.54 -25.82
C THR A 66 -15.57 20.63 -26.37
N ASN A 67 -15.20 19.77 -27.31
CA ASN A 67 -16.13 18.79 -27.89
CA ASN A 67 -16.17 18.83 -27.88
C ASN A 67 -16.91 18.05 -26.81
N LEU A 68 -16.16 17.43 -25.89
CA LEU A 68 -16.77 16.65 -24.81
C LEU A 68 -17.63 17.51 -23.88
N ALA A 69 -17.13 18.69 -23.54
CA ALA A 69 -17.90 19.63 -22.70
C ALA A 69 -19.28 19.92 -23.33
N THR A 70 -19.30 20.21 -24.63
CA THR A 70 -20.57 20.48 -25.34
C THR A 70 -21.54 19.30 -25.27
N ARG A 71 -21.02 18.08 -25.41
CA ARG A 71 -21.86 16.88 -25.32
C ARG A 71 -22.44 16.67 -23.93
N LEU A 72 -21.67 16.99 -22.90
CA LEU A 72 -22.17 16.84 -21.52
C LEU A 72 -23.20 17.92 -21.19
N ALA A 73 -22.90 19.15 -21.60
CA ALA A 73 -23.83 20.27 -21.43
C ALA A 73 -25.15 20.00 -22.15
N GLU A 74 -25.07 19.43 -23.35
CA GLU A 74 -26.25 19.07 -24.15
C GLU A 74 -27.18 18.14 -23.39
N LYS A 75 -26.59 17.27 -22.57
CA LYS A 75 -27.34 16.32 -21.76
C LYS A 75 -27.71 16.83 -20.37
N GLY A 76 -27.58 18.13 -20.16
CA GLY A 76 -28.00 18.74 -18.89
C GLY A 76 -27.01 18.60 -17.73
N LEU A 77 -25.79 18.14 -18.00
CA LEU A 77 -24.77 18.07 -16.94
C LEU A 77 -24.02 19.38 -16.85
N GLY A 78 -24.02 19.98 -15.67
CA GLY A 78 -23.45 21.30 -15.51
C GLY A 78 -23.25 21.72 -14.07
N LYS A 79 -23.39 23.02 -13.81
CA LYS A 79 -23.11 23.57 -12.48
C LYS A 79 -24.03 22.96 -11.43
N GLY A 80 -23.42 22.60 -10.29
CA GLY A 80 -24.11 21.86 -9.24
C GLY A 80 -23.96 20.36 -9.37
N ASP A 81 -23.55 19.89 -10.54
CA ASP A 81 -23.43 18.45 -10.77
C ASP A 81 -22.00 17.97 -10.50
N THR A 82 -21.86 16.68 -10.22
CA THR A 82 -20.55 16.05 -10.03
C THR A 82 -20.34 14.86 -10.96
N ALA A 83 -19.08 14.42 -11.06
CA ALA A 83 -18.72 13.29 -11.90
C ALA A 83 -17.64 12.45 -11.21
N LEU A 84 -17.67 11.14 -11.47
CA LEU A 84 -16.58 10.25 -11.06
C LEU A 84 -15.85 9.78 -12.31
N VAL A 85 -14.53 9.96 -12.32
CA VAL A 85 -13.71 9.55 -13.46
C VAL A 85 -12.63 8.54 -13.00
N GLN A 86 -12.50 7.42 -13.70
CA GLN A 86 -11.43 6.49 -13.40
C GLN A 86 -10.80 6.02 -14.69
N LEU A 87 -9.66 6.62 -15.02
CA LEU A 87 -8.97 6.34 -16.27
C LEU A 87 -7.50 6.06 -16.03
N PRO A 88 -6.84 5.24 -16.90
CA PRO A 88 -5.42 4.99 -16.72
C PRO A 88 -4.58 6.16 -17.26
N ASN A 89 -3.27 5.97 -17.30
CA ASN A 89 -2.36 7.03 -17.73
C ASN A 89 -2.37 7.27 -19.24
N VAL A 90 -3.47 7.82 -19.75
CA VAL A 90 -3.62 8.09 -21.17
C VAL A 90 -4.06 9.53 -21.42
N ALA A 91 -3.86 10.03 -22.65
CA ALA A 91 -4.22 11.41 -23.00
C ALA A 91 -5.68 11.75 -22.64
N GLU A 92 -6.57 10.74 -22.73
CA GLU A 92 -8.00 10.92 -22.44
C GLU A 92 -8.27 11.41 -21.01
N PHE A 93 -7.39 11.06 -20.08
CA PHE A 93 -7.52 11.60 -18.72
C PHE A 93 -7.56 13.13 -18.73
N TYR A 94 -6.64 13.77 -19.45
CA TYR A 94 -6.56 15.22 -19.48
C TYR A 94 -7.65 15.84 -20.36
N ILE A 95 -8.01 15.15 -21.43
CA ILE A 95 -9.10 15.62 -22.28
C ILE A 95 -10.36 15.70 -21.44
N VAL A 96 -10.59 14.66 -20.64
CA VAL A 96 -11.76 14.60 -19.78
C VAL A 96 -11.69 15.62 -18.64
N PHE A 97 -10.54 15.70 -17.97
CA PHE A 97 -10.37 16.67 -16.89
C PHE A 97 -10.68 18.09 -17.38
N PHE A 98 -10.10 18.50 -18.51
CA PHE A 98 -10.35 19.84 -19.00
C PHE A 98 -11.79 20.03 -19.51
N ALA A 99 -12.39 18.97 -20.04
CA ALA A 99 -13.82 18.99 -20.43
C ALA A 99 -14.74 19.28 -19.25
N LEU A 100 -14.50 18.61 -18.11
CA LEU A 100 -15.36 18.80 -16.95
C LEU A 100 -15.17 20.17 -16.28
N LEU A 101 -13.92 20.63 -16.22
CA LEU A 101 -13.61 22.00 -15.79
C LEU A 101 -14.32 23.03 -16.70
N LYS A 102 -14.29 22.81 -18.01
CA LYS A 102 -15.00 23.71 -18.95
C LYS A 102 -16.51 23.70 -18.69
N ALA A 103 -17.07 22.52 -18.43
CA ALA A 103 -18.51 22.34 -18.30
C ALA A 103 -19.06 22.78 -16.94
N GLY A 104 -18.17 22.98 -15.98
CA GLY A 104 -18.58 23.37 -14.64
C GLY A 104 -19.05 22.20 -13.82
N VAL A 105 -18.61 20.99 -14.20
CA VAL A 105 -18.94 19.79 -13.46
C VAL A 105 -17.80 19.45 -12.52
N VAL A 106 -18.11 19.28 -11.23
CA VAL A 106 -17.09 19.03 -10.20
C VAL A 106 -16.69 17.56 -10.24
N VAL A 107 -15.42 17.29 -10.52
CA VAL A 107 -14.97 15.91 -10.80
C VAL A 107 -14.15 15.33 -9.65
N LEU A 108 -14.43 14.08 -9.31
CA LEU A 108 -13.52 13.29 -8.48
C LEU A 108 -12.81 12.30 -9.41
N ASN A 109 -11.48 12.41 -9.50
CA ASN A 109 -10.69 11.44 -10.25
C ASN A 109 -10.25 10.33 -9.29
N ALA A 110 -10.80 9.13 -9.49
CA ALA A 110 -10.33 7.98 -8.72
C ALA A 110 -9.02 7.51 -9.34
N LEU A 111 -8.18 6.91 -8.51
CA LEU A 111 -7.00 6.21 -9.00
C LEU A 111 -7.48 4.99 -9.78
N TYR A 112 -6.76 4.68 -10.85
CA TYR A 112 -7.04 3.48 -11.64
C TYR A 112 -6.90 2.22 -10.79
N SER A 113 -6.09 2.29 -9.73
CA SER A 113 -5.92 1.19 -8.78
C SER A 113 -7.08 1.02 -7.78
N HIS A 114 -8.00 1.99 -7.72
CA HIS A 114 -9.14 1.86 -6.81
C HIS A 114 -10.11 0.79 -7.30
N ARG A 115 -10.77 0.13 -6.36
CA ARG A 115 -11.66 -0.98 -6.67
C ARG A 115 -13.11 -0.69 -6.25
N GLN A 116 -13.96 -1.72 -6.31
CA GLN A 116 -15.40 -1.59 -6.05
C GLN A 116 -15.70 -0.84 -4.76
N TYR A 117 -14.99 -1.20 -3.69
CA TYR A 117 -15.28 -0.61 -2.40
C TYR A 117 -15.10 0.92 -2.36
N GLU A 118 -13.94 1.40 -2.81
CA GLU A 118 -13.64 2.83 -2.85
C GLU A 118 -14.59 3.59 -3.78
N LEU A 119 -14.79 3.07 -4.98
CA LEU A 119 -15.69 3.70 -5.96
C LEU A 119 -17.11 3.84 -5.41
N ASN A 120 -17.62 2.80 -4.74
CA ASN A 120 -18.93 2.87 -4.08
C ASN A 120 -19.00 3.97 -3.06
N ALA A 121 -17.99 4.05 -2.21
CA ALA A 121 -17.89 5.10 -1.20
C ALA A 121 -17.86 6.50 -1.84
N PHE A 122 -17.08 6.63 -2.92
CA PHE A 122 -17.01 7.90 -3.67
C PHE A 122 -18.38 8.29 -4.22
N ILE A 123 -19.05 7.34 -4.86
CA ILE A 123 -20.37 7.57 -5.45
C ILE A 123 -21.39 8.00 -4.40
N LYS A 124 -21.35 7.34 -3.24
CA LYS A 124 -22.25 7.64 -2.13
C LYS A 124 -22.08 9.08 -1.64
N GLN A 125 -20.84 9.57 -1.66
CA GLN A 125 -20.54 10.90 -1.12
C GLN A 125 -20.86 12.04 -2.07
N ILE A 126 -20.68 11.83 -3.36
CA ILE A 126 -20.83 12.92 -4.33
C ILE A 126 -22.04 12.78 -5.26
N GLN A 127 -22.67 11.61 -5.24
CA GLN A 127 -23.85 11.31 -6.06
C GLN A 127 -23.70 11.77 -7.51
N PRO A 128 -22.71 11.19 -8.24
CA PRO A 128 -22.41 11.71 -9.57
C PRO A 128 -23.49 11.41 -10.60
N LYS A 129 -23.78 12.39 -11.44
CA LYS A 129 -24.66 12.21 -12.59
C LYS A 129 -23.87 11.66 -13.78
N LEU A 130 -22.53 11.71 -13.67
CA LEU A 130 -21.64 11.22 -14.72
C LEU A 130 -20.56 10.30 -14.17
N LEU A 131 -20.39 9.16 -14.84
CA LEU A 131 -19.35 8.19 -14.54
C LEU A 131 -18.57 7.89 -15.82
N ILE A 132 -17.26 8.08 -15.76
CA ILE A 132 -16.38 7.71 -16.87
C ILE A 132 -15.37 6.69 -16.37
N GLY A 133 -15.34 5.54 -17.04
CA GLY A 133 -14.43 4.46 -16.70
C GLY A 133 -13.91 3.78 -17.94
N SER A 134 -13.32 2.60 -17.74
CA SER A 134 -12.75 1.80 -18.81
C SER A 134 -13.22 0.37 -18.67
N ARG A 135 -13.64 -0.22 -19.79
CA ARG A 135 -14.08 -1.62 -19.79
C ARG A 135 -12.96 -2.62 -19.48
N GLN A 136 -11.71 -2.17 -19.62
CA GLN A 136 -10.54 -2.99 -19.26
C GLN A 136 -10.27 -3.05 -17.76
N HIS A 137 -10.96 -2.22 -16.99
CA HIS A 137 -10.82 -2.24 -15.53
C HIS A 137 -11.67 -3.36 -14.95
N GLU A 138 -11.13 -4.04 -13.95
CA GLU A 138 -11.79 -5.16 -13.27
C GLU A 138 -13.24 -4.86 -12.85
N VAL A 139 -13.47 -3.63 -12.40
CA VAL A 139 -14.79 -3.23 -11.89
C VAL A 139 -15.82 -3.09 -13.02
N PHE A 140 -15.37 -2.77 -14.22
CA PHE A 140 -16.26 -2.58 -15.36
C PHE A 140 -16.08 -3.63 -16.46
N SER A 141 -15.39 -4.72 -16.13
CA SER A 141 -15.21 -5.84 -17.06
C SER A 141 -16.54 -6.55 -17.33
N ASN A 142 -17.33 -6.71 -16.27
CA ASN A 142 -18.74 -7.10 -16.39
C ASN A 142 -19.65 -5.95 -15.91
N ASN A 143 -20.96 -6.20 -15.88
CA ASN A 143 -21.93 -5.17 -15.49
C ASN A 143 -22.39 -5.24 -14.02
N GLN A 144 -21.77 -6.12 -13.24
CA GLN A 144 -22.18 -6.32 -11.84
C GLN A 144 -22.16 -5.04 -11.00
N PHE A 145 -21.08 -4.27 -11.08
CA PHE A 145 -20.94 -3.03 -10.28
C PHE A 145 -21.96 -1.96 -10.70
N ILE A 146 -22.02 -1.71 -12.01
CA ILE A 146 -22.96 -0.75 -12.60
C ILE A 146 -24.43 -1.06 -12.21
N ASP A 147 -24.84 -2.32 -12.35
CA ASP A 147 -26.20 -2.74 -12.01
C ASP A 147 -26.53 -2.54 -10.53
N SER A 148 -25.52 -2.69 -9.67
CA SER A 148 -25.70 -2.54 -8.21
C SER A 148 -26.12 -1.14 -7.82
N LEU A 149 -25.85 -0.16 -8.67
CA LEU A 149 -26.14 1.24 -8.37
C LEU A 149 -27.64 1.55 -8.46
N HIS A 150 -28.34 0.88 -9.38
CA HIS A 150 -29.81 0.96 -9.46
C HIS A 150 -30.42 0.60 -8.11
N ASP A 151 -29.93 -0.51 -7.55
CA ASP A 151 -30.43 -1.07 -6.28
C ASP A 151 -30.38 -0.09 -5.10
N VAL A 152 -29.41 0.83 -5.12
CA VAL A 152 -29.27 1.81 -4.04
C VAL A 152 -29.60 3.24 -4.52
N ASN A 153 -30.25 3.34 -5.68
CA ASN A 153 -30.65 4.63 -6.29
C ASN A 153 -29.49 5.61 -6.45
N LEU A 154 -28.36 5.10 -6.92
CA LEU A 154 -27.16 5.90 -7.11
C LEU A 154 -26.62 5.81 -8.53
N SER A 155 -27.45 5.30 -9.44
CA SER A 155 -27.10 5.22 -10.86
C SER A 155 -26.84 6.61 -11.45
N PRO A 156 -25.70 6.79 -12.13
CA PRO A 156 -25.48 8.05 -12.85
C PRO A 156 -26.35 8.12 -14.10
N GLU A 157 -26.71 9.33 -14.51
CA GLU A 157 -27.52 9.54 -15.71
C GLU A 157 -26.76 9.17 -16.98
N ILE A 158 -25.44 9.37 -16.95
CA ILE A 158 -24.59 9.11 -18.10
C ILE A 158 -23.35 8.31 -17.71
N ILE A 159 -23.14 7.19 -18.41
CA ILE A 159 -21.94 6.38 -18.25
C ILE A 159 -21.21 6.37 -19.57
N LEU A 160 -19.94 6.76 -19.55
CA LEU A 160 -19.09 6.66 -20.72
C LEU A 160 -17.96 5.68 -20.43
N MET A 161 -17.61 4.88 -21.45
CA MET A 161 -16.54 3.90 -21.30
C MET A 161 -15.46 4.03 -22.36
N LEU A 162 -14.22 4.04 -21.90
CA LEU A 162 -13.07 3.80 -22.78
C LEU A 162 -13.05 2.29 -23.05
N ASN A 163 -12.55 1.89 -24.22
CA ASN A 163 -12.61 0.47 -24.63
C ASN A 163 -14.05 -0.07 -24.50
N HIS A 164 -15.00 0.73 -25.01
CA HIS A 164 -16.42 0.49 -24.84
C HIS A 164 -16.90 -0.75 -25.62
N GLN A 165 -17.97 -1.36 -25.11
CA GLN A 165 -18.73 -2.38 -25.83
C GLN A 165 -19.76 -1.68 -26.73
N ALA A 166 -20.28 -2.40 -27.72
CA ALA A 166 -21.22 -1.84 -28.71
C ALA A 166 -22.46 -1.20 -28.08
N THR A 167 -22.89 -1.73 -26.93
CA THR A 167 -24.04 -1.18 -26.21
C THR A 167 -23.72 0.10 -25.41
N ASP A 168 -22.45 0.30 -25.05
CA ASP A 168 -22.00 1.44 -24.24
C ASP A 168 -21.99 2.75 -25.02
N PHE A 169 -22.05 3.86 -24.30
CA PHE A 169 -21.62 5.13 -24.87
C PHE A 169 -20.09 5.13 -24.90
N GLY A 170 -19.52 5.37 -26.07
CA GLY A 170 -18.08 5.38 -26.25
C GLY A 170 -17.44 6.71 -25.87
N LEU A 171 -16.51 6.68 -24.92
CA LEU A 171 -15.81 7.88 -24.50
C LEU A 171 -15.18 8.59 -25.69
N LEU A 172 -14.48 7.82 -26.53
CA LEU A 172 -13.84 8.37 -27.73
C LEU A 172 -14.84 9.02 -28.71
N ASP A 173 -16.04 8.44 -28.80
CA ASP A 173 -17.08 9.01 -29.67
C ASP A 173 -17.57 10.37 -29.17
N TRP A 174 -17.72 10.49 -27.85
CA TRP A 174 -18.15 11.75 -27.23
C TRP A 174 -17.06 12.82 -27.27
N ILE A 175 -15.82 12.38 -27.44
CA ILE A 175 -14.68 13.28 -27.60
C ILE A 175 -14.54 13.72 -29.06
N GLU A 176 -14.79 12.80 -29.99
CA GLU A 176 -14.52 13.04 -31.41
C GLU A 176 -15.63 13.83 -32.11
N THR A 177 -16.90 13.48 -31.82
CA THR A 177 -18.03 14.01 -32.58
C THR A 177 -18.90 15.00 -31.80
N PRO A 178 -19.01 16.25 -32.30
CA PRO A 178 -19.58 17.36 -31.54
C PRO A 178 -21.09 17.21 -31.31
N ALA A 179 -21.64 18.04 -30.43
CA ALA A 179 -23.06 17.98 -30.09
C ALA A 179 -23.96 18.43 -31.24
N GLU A 180 -25.16 17.87 -31.32
CA GLU A 180 -26.16 18.29 -32.31
C GLU A 180 -26.63 19.71 -32.01
N THR A 181 -26.95 19.97 -30.74
CA THR A 181 -27.48 21.26 -30.30
C THR A 181 -26.54 22.00 -29.33
N PHE A 182 -26.66 23.33 -29.31
CA PHE A 182 -25.87 24.19 -28.45
C PHE A 182 -26.58 24.42 -27.12
N VAL A 183 -25.91 24.07 -26.03
CA VAL A 183 -26.33 24.45 -24.68
C VAL A 183 -25.18 25.22 -24.03
N ASP A 184 -25.50 26.38 -23.45
CA ASP A 184 -24.52 27.21 -22.78
C ASP A 184 -23.87 26.49 -21.59
N PHE A 185 -22.56 26.71 -21.42
CA PHE A 185 -21.84 26.19 -20.25
C PHE A 185 -20.67 27.09 -19.91
N SER A 186 -20.21 26.97 -18.65
CA SER A 186 -19.01 27.64 -18.19
C SER A 186 -18.49 26.96 -16.93
N SER A 187 -17.23 27.25 -16.61
CA SER A 187 -16.59 26.73 -15.40
C SER A 187 -17.31 27.22 -14.16
N THR A 188 -17.20 26.48 -13.06
CA THR A 188 -17.62 26.98 -11.76
C THR A 188 -16.78 28.23 -11.41
N PRO A 189 -17.31 29.13 -10.54
CA PRO A 189 -16.53 30.35 -10.26
C PRO A 189 -15.16 30.05 -9.65
N ALA A 190 -14.21 30.96 -9.85
CA ALA A 190 -12.81 30.70 -9.50
C ALA A 190 -12.54 30.48 -8.02
N ASP A 191 -13.35 31.09 -7.15
CA ASP A 191 -13.24 30.85 -5.70
C ASP A 191 -14.28 29.86 -5.22
N GLU A 192 -14.77 29.04 -6.14
CA GLU A 192 -15.67 27.93 -5.80
C GLU A 192 -14.96 26.61 -6.20
N VAL A 193 -15.56 25.47 -5.85
CA VAL A 193 -14.89 24.17 -6.07
C VAL A 193 -14.74 23.87 -7.56
N ALA A 194 -13.53 23.48 -7.96
CA ALA A 194 -13.27 22.95 -9.31
C ALA A 194 -13.35 21.42 -9.36
N PHE A 195 -12.76 20.77 -8.37
CA PHE A 195 -12.69 19.30 -8.33
C PHE A 195 -12.31 18.81 -6.94
N PHE A 196 -12.38 17.50 -6.73
CA PHE A 196 -12.03 16.90 -5.45
C PHE A 196 -10.68 16.21 -5.61
N GLN A 197 -9.71 16.62 -4.81
CA GLN A 197 -8.54 15.76 -4.58
C GLN A 197 -8.90 14.67 -3.57
N LEU A 198 -8.02 13.69 -3.42
CA LEU A 198 -8.20 12.60 -2.46
C LEU A 198 -7.03 12.53 -1.48
N SER A 199 -7.33 12.28 -0.20
CA SER A 199 -6.28 12.10 0.80
C SER A 199 -5.49 10.83 0.48
N GLY A 200 -4.25 10.81 0.96
CA GLY A 200 -3.33 9.72 0.66
C GLY A 200 -3.60 8.55 1.57
N GLY A 201 -4.50 7.67 1.13
CA GLY A 201 -4.93 6.53 1.92
C GLY A 201 -5.86 7.01 3.01
N GLY A 204 -9.12 4.61 6.53
CA GLY A 204 -10.26 4.20 5.70
C GLY A 204 -10.09 4.61 4.25
N THR A 205 -11.21 4.71 3.51
CA THR A 205 -11.15 5.17 2.12
C THR A 205 -10.58 6.59 2.07
N PRO A 206 -9.92 6.96 0.96
CA PRO A 206 -9.47 8.34 0.81
C PRO A 206 -10.60 9.35 1.05
N LYS A 207 -10.30 10.43 1.76
CA LYS A 207 -11.25 11.50 2.02
C LYS A 207 -11.22 12.55 0.91
N LEU A 208 -12.35 13.23 0.71
CA LEU A 208 -12.47 14.13 -0.44
C LEU A 208 -12.04 15.53 -0.07
N ILE A 209 -11.12 16.06 -0.86
CA ILE A 209 -10.53 17.37 -0.63
C ILE A 209 -11.04 18.33 -1.70
N PRO A 210 -11.98 19.23 -1.33
CA PRO A 210 -12.39 20.23 -2.33
C PRO A 210 -11.22 21.15 -2.68
N ARG A 211 -10.96 21.34 -3.97
CA ARG A 211 -9.96 22.29 -4.41
C ARG A 211 -10.62 23.35 -5.31
N THR A 212 -10.30 24.61 -5.10
CA THR A 212 -10.88 25.68 -5.94
C THR A 212 -9.94 25.97 -7.10
N HIS A 213 -10.47 26.59 -8.16
CA HIS A 213 -9.65 27.06 -9.27
C HIS A 213 -8.52 27.95 -8.79
N ASN A 214 -8.86 28.93 -7.94
CA ASN A 214 -7.86 29.88 -7.45
C ASN A 214 -6.70 29.20 -6.78
N ASP A 215 -7.02 28.30 -5.86
CA ASP A 215 -5.99 27.69 -5.02
C ASP A 215 -5.15 26.68 -5.82
N TYR A 216 -5.80 25.88 -6.67
CA TYR A 216 -5.05 24.88 -7.43
C TYR A 216 -4.21 25.54 -8.50
N ASP A 217 -4.79 26.52 -9.19
CA ASP A 217 -4.04 27.22 -10.23
C ASP A 217 -2.82 27.91 -9.61
N TYR A 218 -2.99 28.53 -8.44
CA TYR A 218 -1.83 29.14 -7.78
C TYR A 218 -0.73 28.10 -7.50
N SER A 219 -1.12 26.97 -6.89
CA SER A 219 -0.11 25.95 -6.57
C SER A 219 0.64 25.52 -7.84
N VAL A 220 -0.09 25.40 -8.95
CA VAL A 220 0.45 25.02 -10.25
C VAL A 220 1.44 26.05 -10.82
N ARG A 221 0.99 27.31 -10.91
CA ARG A 221 1.83 28.39 -11.45
C ARG A 221 3.09 28.56 -10.62
N ALA A 222 2.95 28.54 -9.30
CA ALA A 222 4.09 28.81 -8.43
C ALA A 222 5.07 27.63 -8.45
N SER A 223 4.55 26.41 -8.51
CA SER A 223 5.39 25.21 -8.63
C SER A 223 6.16 25.20 -9.93
N ALA A 224 5.49 25.57 -11.02
CA ALA A 224 6.16 25.65 -12.32
C ALA A 224 7.36 26.59 -12.28
N GLU A 225 7.20 27.75 -11.64
CA GLU A 225 8.33 28.69 -11.49
C GLU A 225 9.48 28.11 -10.63
N ILE A 226 9.13 27.51 -9.48
CA ILE A 226 10.11 26.88 -8.60
C ILE A 226 10.93 25.80 -9.31
N CYS A 227 10.26 24.97 -10.11
CA CYS A 227 10.92 23.86 -10.82
C CYS A 227 11.57 24.27 -12.14
N GLY A 228 11.53 25.57 -12.45
CA GLY A 228 12.15 26.08 -13.68
C GLY A 228 11.54 25.55 -14.98
N LEU A 229 10.25 25.22 -14.96
CA LEU A 229 9.60 24.71 -16.18
C LEU A 229 9.56 25.75 -17.30
N ASN A 230 9.65 25.27 -18.53
CA ASN A 230 9.58 26.17 -19.68
C ASN A 230 9.03 25.41 -20.87
N SER A 231 8.99 26.06 -22.03
CA SER A 231 8.36 25.46 -23.22
C SER A 231 9.13 24.25 -23.71
N ASN A 232 10.37 24.10 -23.28
CA ASN A 232 11.19 22.94 -23.66
C ASN A 232 11.07 21.73 -22.71
N THR A 233 10.36 21.92 -21.59
CA THR A 233 10.11 20.85 -20.64
C THR A 233 9.28 19.72 -21.25
N ARG A 234 9.80 18.50 -21.10
CA ARG A 234 9.07 17.31 -21.48
C ARG A 234 9.09 16.42 -20.25
N LEU A 235 7.93 16.33 -19.60
CA LEU A 235 7.79 15.65 -18.31
C LEU A 235 7.16 14.28 -18.45
N LEU A 236 7.87 13.25 -17.99
CA LEU A 236 7.32 11.91 -17.93
C LEU A 236 6.24 11.86 -16.87
N CYS A 237 5.09 11.31 -17.25
CA CYS A 237 3.99 11.09 -16.30
CA CYS A 237 4.02 11.08 -16.29
C CYS A 237 3.83 9.57 -16.08
N ALA A 238 4.66 9.04 -15.18
CA ALA A 238 4.73 7.63 -14.89
C ALA A 238 4.02 7.27 -13.59
N LEU A 239 3.84 8.25 -12.70
CA LEU A 239 2.99 8.06 -11.52
C LEU A 239 1.52 8.23 -11.94
N PRO A 240 0.57 7.84 -11.07
CA PRO A 240 -0.84 7.98 -11.47
C PRO A 240 -1.20 9.43 -11.82
N ALA A 241 -1.71 9.64 -13.02
CA ALA A 241 -2.09 10.96 -13.51
C ALA A 241 -2.94 11.83 -12.53
N PRO A 242 -3.92 11.22 -11.82
CA PRO A 242 -4.78 12.03 -10.94
C PRO A 242 -4.10 12.46 -9.63
N HIS A 243 -2.98 11.82 -9.29
CA HIS A 243 -2.34 12.10 -8.00
C HIS A 243 -1.79 13.53 -7.94
N ASN A 244 -2.02 14.19 -6.81
CA ASN A 244 -1.66 15.60 -6.59
C ASN A 244 -0.23 15.90 -7.05
N PHE A 245 0.68 15.00 -6.70
CA PHE A 245 2.11 15.12 -7.06
C PHE A 245 2.26 15.12 -8.59
N MET A 246 1.64 14.15 -9.25
CA MET A 246 1.78 14.01 -10.71
C MET A 246 0.95 15.04 -11.49
N LEU A 247 -0.05 15.62 -10.83
CA LEU A 247 -0.98 16.55 -11.48
C LEU A 247 -0.54 18.02 -11.31
N SER A 248 0.02 18.35 -10.16
CA SER A 248 0.21 19.74 -9.77
C SER A 248 1.54 20.12 -9.10
N SER A 249 2.43 19.14 -8.87
CA SER A 249 3.64 19.44 -8.09
C SER A 249 4.99 19.22 -8.76
N PRO A 250 5.27 19.89 -9.90
CA PRO A 250 4.39 20.80 -10.64
C PRO A 250 3.46 20.02 -11.59
N GLY A 251 3.82 18.77 -11.87
CA GLY A 251 2.94 17.84 -12.59
C GLY A 251 2.55 18.24 -13.99
N ALA A 252 1.62 17.48 -14.57
CA ALA A 252 1.11 17.78 -15.91
C ALA A 252 0.58 19.22 -16.03
N LEU A 253 -0.19 19.69 -15.04
CA LEU A 253 -0.74 21.06 -15.13
C LEU A 253 0.34 22.13 -15.16
N GLY A 254 1.38 21.92 -14.34
CA GLY A 254 2.53 22.80 -14.31
C GLY A 254 3.23 22.88 -15.65
N VAL A 255 3.44 21.73 -16.27
CA VAL A 255 4.10 21.68 -17.57
C VAL A 255 3.24 22.38 -18.64
N LEU A 256 1.93 22.17 -18.59
CA LEU A 256 1.03 22.85 -19.53
C LEU A 256 1.00 24.35 -19.28
N HIS A 257 1.01 24.74 -18.00
CA HIS A 257 1.15 26.15 -17.63
C HIS A 257 2.36 26.80 -18.30
N ALA A 258 3.48 26.07 -18.36
CA ALA A 258 4.73 26.60 -18.90
C ALA A 258 4.89 26.37 -20.40
N GLY A 259 3.89 25.77 -21.03
CA GLY A 259 3.92 25.61 -22.49
C GLY A 259 4.70 24.39 -22.95
N GLY A 260 5.05 23.50 -22.03
CA GLY A 260 5.78 22.27 -22.36
C GLY A 260 4.89 21.11 -22.76
N CYS A 261 5.45 19.91 -22.66
CA CYS A 261 4.78 18.70 -23.11
C CYS A 261 4.84 17.60 -22.06
N VAL A 262 3.70 16.97 -21.82
CA VAL A 262 3.59 15.81 -20.96
C VAL A 262 3.76 14.54 -21.81
N VAL A 263 4.63 13.64 -21.35
CA VAL A 263 4.87 12.35 -22.02
C VAL A 263 4.39 11.21 -21.13
N MET A 264 3.37 10.48 -21.57
CA MET A 264 2.73 9.47 -20.73
C MET A 264 3.53 8.19 -20.65
N ALA A 265 3.45 7.53 -19.50
CA ALA A 265 3.89 6.14 -19.36
C ALA A 265 2.82 5.47 -18.53
N PRO A 266 2.56 4.17 -18.77
CA PRO A 266 1.52 3.48 -17.99
C PRO A 266 1.85 3.33 -16.50
N ASN A 267 3.13 3.29 -16.18
CA ASN A 267 3.63 3.07 -14.80
C ASN A 267 5.14 3.29 -14.79
N PRO A 268 5.78 3.21 -13.61
CA PRO A 268 7.22 3.50 -13.56
C PRO A 268 8.17 2.32 -13.87
N GLU A 269 7.67 1.24 -14.46
CA GLU A 269 8.55 0.11 -14.83
C GLU A 269 9.74 0.65 -15.62
N PRO A 270 10.98 0.33 -15.19
CA PRO A 270 12.13 1.07 -15.74
C PRO A 270 12.44 0.90 -17.23
N LEU A 271 12.44 -0.32 -17.73
CA LEU A 271 12.81 -0.55 -19.14
C LEU A 271 11.86 0.19 -20.08
N ASN A 272 10.56 0.08 -19.83
CA ASN A 272 9.59 0.81 -20.65
C ASN A 272 9.77 2.32 -20.52
N CYS A 273 9.87 2.81 -19.29
CA CYS A 273 10.12 4.25 -19.06
C CYS A 273 11.39 4.73 -19.74
N PHE A 274 12.45 3.94 -19.68
CA PHE A 274 13.74 4.34 -20.27
C PHE A 274 13.62 4.49 -21.79
N SER A 275 12.87 3.59 -22.42
CA SER A 275 12.75 3.66 -23.88
C SER A 275 11.90 4.86 -24.29
N ILE A 276 10.89 5.18 -23.48
CA ILE A 276 10.03 6.37 -23.70
C ILE A 276 10.85 7.65 -23.52
N ILE A 277 11.69 7.68 -22.48
CA ILE A 277 12.58 8.81 -22.21
C ILE A 277 13.52 9.05 -23.40
N GLN A 278 14.07 7.96 -23.94
CA GLN A 278 14.97 8.06 -25.08
C GLN A 278 14.21 8.53 -26.34
N ARG A 279 13.07 7.92 -26.61
CA ARG A 279 12.33 8.20 -27.83
C ARG A 279 11.93 9.68 -27.92
N HIS A 280 11.43 10.21 -26.82
CA HIS A 280 10.89 11.57 -26.81
C HIS A 280 11.81 12.61 -26.18
N GLN A 281 13.04 12.20 -25.86
CA GLN A 281 14.03 13.07 -25.23
C GLN A 281 13.41 13.74 -23.99
N VAL A 282 12.84 12.93 -23.11
CA VAL A 282 12.25 13.43 -21.85
C VAL A 282 13.35 14.07 -21.01
N ASN A 283 13.09 15.25 -20.46
CA ASN A 283 14.08 15.90 -19.62
C ASN A 283 13.67 16.06 -18.16
N MET A 284 12.46 15.64 -17.81
CA MET A 284 12.03 15.69 -16.41
C MET A 284 11.18 14.48 -16.07
N ALA A 285 11.30 13.99 -14.84
CA ALA A 285 10.45 12.90 -14.35
C ALA A 285 10.18 13.09 -12.87
N SER A 286 9.16 12.38 -12.37
CA SER A 286 8.74 12.51 -10.98
C SER A 286 8.38 11.13 -10.50
N LEU A 287 8.99 10.74 -9.37
CA LEU A 287 8.87 9.36 -8.87
C LEU A 287 8.68 9.33 -7.35
N VAL A 288 8.23 8.18 -6.85
CA VAL A 288 8.27 7.85 -5.43
C VAL A 288 9.54 7.01 -5.15
N PRO A 289 10.03 6.96 -3.90
CA PRO A 289 11.28 6.25 -3.63
C PRO A 289 11.33 4.79 -4.11
N SER A 290 10.24 4.05 -3.96
CA SER A 290 10.25 2.64 -4.41
C SER A 290 10.52 2.52 -5.91
N ALA A 291 10.03 3.49 -6.70
CA ALA A 291 10.29 3.50 -8.14
C ALA A 291 11.71 3.96 -8.46
N VAL A 292 12.22 4.92 -7.69
CA VAL A 292 13.61 5.35 -7.83
C VAL A 292 14.55 4.15 -7.68
N ILE A 293 14.29 3.29 -6.69
CA ILE A 293 15.09 2.08 -6.49
C ILE A 293 15.06 1.19 -7.74
N MET A 294 13.88 1.02 -8.33
CA MET A 294 13.78 0.23 -9.55
C MET A 294 14.65 0.77 -10.66
N TRP A 295 14.62 2.10 -10.85
CA TRP A 295 15.37 2.74 -11.91
C TRP A 295 16.88 2.64 -11.66
N LEU A 296 17.29 2.90 -10.42
CA LEU A 296 18.71 2.82 -10.04
C LEU A 296 19.32 1.45 -10.33
N GLU A 297 18.52 0.41 -10.16
CA GLU A 297 18.97 -0.93 -10.45
C GLU A 297 19.30 -1.20 -11.93
N LYS A 298 18.65 -0.48 -12.84
CA LYS A 298 18.85 -0.70 -14.27
C LYS A 298 19.64 0.40 -14.98
N ALA A 299 19.78 1.55 -14.32
CA ALA A 299 20.28 2.77 -14.98
C ALA A 299 21.68 2.69 -15.58
N ALA A 300 22.60 2.01 -14.88
CA ALA A 300 23.97 1.84 -15.39
C ALA A 300 23.97 1.18 -16.77
N GLN A 301 23.16 0.14 -16.93
CA GLN A 301 23.07 -0.59 -18.19
C GLN A 301 22.40 0.21 -19.32
N TYR A 302 21.55 1.17 -18.96
CA TYR A 302 20.78 1.91 -19.96
C TYR A 302 21.06 3.41 -19.92
N LYS A 303 22.28 3.72 -19.46
CA LYS A 303 22.84 5.07 -19.43
C LYS A 303 22.47 5.92 -20.64
N ASP A 304 22.71 5.39 -21.84
CA ASP A 304 22.44 6.07 -23.11
C ASP A 304 20.99 6.52 -23.25
N GLN A 305 20.07 5.67 -22.81
CA GLN A 305 18.64 5.92 -22.98
C GLN A 305 18.10 7.06 -22.12
N ILE A 306 18.75 7.32 -20.98
CA ILE A 306 18.23 8.29 -20.02
C ILE A 306 19.06 9.57 -19.87
N GLN A 307 20.07 9.75 -20.71
CA GLN A 307 20.95 10.92 -20.59
C GLN A 307 20.16 12.22 -20.58
N SER A 308 19.10 12.28 -21.38
CA SER A 308 18.34 13.54 -21.56
C SER A 308 17.63 14.03 -20.28
N LEU A 309 17.43 13.15 -19.31
CA LEU A 309 16.84 13.57 -18.03
C LEU A 309 17.68 14.69 -17.43
N LYS A 310 17.04 15.78 -17.03
CA LYS A 310 17.78 16.88 -16.42
C LYS A 310 17.37 17.07 -14.97
N LEU A 311 16.16 16.65 -14.64
CA LEU A 311 15.63 16.83 -13.29
C LEU A 311 14.73 15.68 -12.92
N LEU A 312 14.97 15.10 -11.75
CA LEU A 312 14.10 14.07 -11.19
C LEU A 312 13.56 14.56 -9.87
N GLN A 313 12.24 14.63 -9.75
CA GLN A 313 11.63 14.90 -8.45
C GLN A 313 11.38 13.60 -7.76
N VAL A 314 11.62 13.58 -6.45
CA VAL A 314 11.27 12.42 -5.64
C VAL A 314 10.43 12.90 -4.47
N GLY A 315 9.23 12.33 -4.31
CA GLY A 315 8.36 12.68 -3.22
C GLY A 315 7.53 11.51 -2.77
N GLY A 316 6.77 11.70 -1.69
CA GLY A 316 5.72 10.77 -1.33
C GLY A 316 5.98 9.89 -0.12
N ALA A 317 7.25 9.67 0.21
CA ALA A 317 7.67 8.68 1.18
C ALA A 317 9.11 8.86 1.61
N SER A 318 9.50 8.17 2.66
CA SER A 318 10.86 8.25 3.17
C SER A 318 11.88 8.02 2.06
N PHE A 319 12.83 8.93 1.95
CA PHE A 319 13.86 8.87 0.90
C PHE A 319 15.23 9.12 1.52
N PRO A 320 15.86 8.04 2.04
CA PRO A 320 17.12 8.25 2.78
C PRO A 320 18.25 8.85 1.94
N GLU A 321 19.12 9.60 2.61
CA GLU A 321 20.27 10.26 1.99
C GLU A 321 21.10 9.36 1.06
N SER A 322 21.33 8.13 1.49
CA SER A 322 22.16 7.18 0.74
C SER A 322 21.53 6.92 -0.63
N LEU A 323 20.21 6.93 -0.68
CA LEU A 323 19.50 6.78 -1.96
C LEU A 323 19.53 8.10 -2.76
N ALA A 324 19.26 9.21 -2.07
CA ALA A 324 19.27 10.55 -2.70
C ALA A 324 20.57 10.87 -3.46
N ARG A 325 21.71 10.57 -2.83
CA ARG A 325 23.01 10.79 -3.45
C ARG A 325 23.23 9.98 -4.72
N GLN A 326 22.57 8.83 -4.84
CA GLN A 326 22.71 8.01 -6.04
C GLN A 326 22.02 8.64 -7.26
N VAL A 327 21.07 9.55 -7.05
CA VAL A 327 20.30 10.10 -8.17
C VAL A 327 21.20 10.83 -9.18
N PRO A 328 21.95 11.86 -8.75
CA PRO A 328 22.85 12.49 -9.73
C PRO A 328 23.98 11.57 -10.21
N GLU A 329 24.43 10.67 -9.33
CA GLU A 329 25.54 9.74 -9.66
C GLU A 329 25.18 8.69 -10.71
N VAL A 330 23.99 8.10 -10.58
CA VAL A 330 23.59 6.98 -11.40
C VAL A 330 22.61 7.39 -12.50
N LEU A 331 21.68 8.30 -12.17
CA LEU A 331 20.67 8.72 -13.14
C LEU A 331 21.11 9.96 -13.92
N ASN A 332 22.25 10.54 -13.53
CA ASN A 332 22.89 11.62 -14.28
C ASN A 332 21.95 12.80 -14.50
N CYS A 333 21.28 13.20 -13.43
CA CYS A 333 20.35 14.32 -13.47
C CYS A 333 20.30 14.93 -12.08
N LYS A 334 19.85 16.17 -12.02
CA LYS A 334 19.66 16.88 -10.76
C LYS A 334 18.50 16.24 -9.97
N LEU A 335 18.60 16.25 -8.65
CA LEU A 335 17.52 15.79 -7.77
C LEU A 335 16.76 16.95 -7.14
N GLN A 336 15.44 16.81 -7.05
CA GLN A 336 14.63 17.69 -6.23
C GLN A 336 13.75 16.85 -5.33
N GLN A 337 13.80 17.09 -4.03
CA GLN A 337 12.92 16.39 -3.11
C GLN A 337 11.64 17.17 -2.91
N VAL A 338 10.52 16.45 -2.81
CA VAL A 338 9.21 17.07 -2.69
C VAL A 338 8.42 16.40 -1.57
N PHE A 339 8.03 17.21 -0.59
CA PHE A 339 7.20 16.74 0.52
C PHE A 339 5.89 17.54 0.40
N GLY A 340 4.85 16.87 -0.10
CA GLY A 340 3.56 17.50 -0.32
C GLY A 340 2.41 16.69 0.27
N MET A 341 1.21 17.27 0.23
CA MET A 341 -0.01 16.57 0.64
C MET A 341 -1.16 17.03 -0.28
N ALA A 342 -2.07 16.12 -0.60
CA ALA A 342 -3.22 16.43 -1.42
C ALA A 342 -4.11 17.52 -0.77
N GLU A 343 -4.02 17.64 0.56
CA GLU A 343 -4.74 18.67 1.34
C GLU A 343 -4.23 20.09 1.09
N GLY A 344 -3.02 20.21 0.54
CA GLY A 344 -2.46 21.52 0.22
C GLY A 344 -0.94 21.63 0.17
N LEU A 345 -0.37 22.11 1.28
CA LEU A 345 1.07 22.40 1.41
C LEU A 345 1.99 21.48 0.62
N VAL A 346 2.82 22.10 -0.22
CA VAL A 346 3.91 21.41 -0.90
C VAL A 346 5.23 22.10 -0.63
N ASN A 347 6.23 21.29 -0.29
CA ASN A 347 7.60 21.75 -0.04
C ASN A 347 8.53 21.18 -1.11
N TYR A 348 9.40 22.02 -1.66
CA TYR A 348 10.42 21.63 -2.64
C TYR A 348 11.81 22.08 -2.17
N THR A 349 12.81 21.21 -2.31
CA THR A 349 14.19 21.68 -2.33
C THR A 349 14.33 22.54 -3.59
N ARG A 350 15.07 23.64 -3.50
CA ARG A 350 15.22 24.53 -4.63
C ARG A 350 16.34 24.08 -5.54
N LEU A 351 16.28 24.47 -6.80
CA LEU A 351 17.27 24.06 -7.78
C LEU A 351 18.67 24.62 -7.49
N ASP A 352 18.74 25.70 -6.75
CA ASP A 352 20.03 26.26 -6.34
C ASP A 352 20.27 26.04 -4.84
N ASP A 353 19.58 25.07 -4.24
CA ASP A 353 19.91 24.62 -2.89
C ASP A 353 21.28 23.94 -2.90
N SER A 354 21.93 23.93 -1.74
CA SER A 354 23.20 23.21 -1.62
C SER A 354 22.98 21.71 -1.74
N ASP A 355 24.04 20.98 -2.07
CA ASP A 355 24.01 19.52 -2.12
C ASP A 355 23.46 18.92 -0.83
N GLU A 356 23.93 19.44 0.31
CA GLU A 356 23.43 18.98 1.61
C GLU A 356 21.93 19.15 1.78
N GLN A 357 21.41 20.32 1.39
CA GLN A 357 19.97 20.57 1.44
C GLN A 357 19.20 19.58 0.56
N ILE A 358 19.71 19.38 -0.65
CA ILE A 358 19.05 18.53 -1.64
C ILE A 358 19.04 17.06 -1.22
N PHE A 359 20.14 16.62 -0.63
CA PHE A 359 20.29 15.21 -0.24
C PHE A 359 19.71 14.88 1.12
N THR A 360 19.57 15.85 2.01
CA THR A 360 19.18 15.56 3.40
C THR A 360 17.89 16.21 3.89
N THR A 361 17.25 17.02 3.04
CA THR A 361 16.01 17.69 3.45
C THR A 361 14.89 17.51 2.42
N GLN A 362 13.67 17.79 2.84
CA GLN A 362 12.50 17.73 1.98
C GLN A 362 12.03 19.15 1.63
N GLY A 363 12.94 20.12 1.71
CA GLY A 363 12.75 21.45 1.17
C GLY A 363 11.89 22.41 1.99
N ARG A 364 11.31 23.40 1.31
CA ARG A 364 10.56 24.45 1.99
C ARG A 364 9.33 24.84 1.17
N PRO A 365 8.34 25.49 1.81
CA PRO A 365 7.03 25.68 1.19
C PRO A 365 7.05 26.50 -0.10
N ILE A 366 6.07 26.24 -0.97
CA ILE A 366 5.84 27.04 -2.18
C ILE A 366 5.78 28.54 -1.84
N SER A 367 4.96 28.90 -0.86
CA SER A 367 4.58 30.30 -0.66
C SER A 367 5.21 30.94 0.58
N SER A 368 5.58 32.21 0.47
CA SER A 368 5.97 33.00 1.66
C SER A 368 4.80 33.05 2.64
N ASP A 369 3.59 32.79 2.16
CA ASP A 369 2.41 32.78 3.01
C ASP A 369 1.89 31.39 3.39
N ASP A 370 2.68 30.35 3.12
CA ASP A 370 2.45 29.08 3.76
C ASP A 370 2.90 29.27 5.20
N GLU A 371 1.95 29.22 6.12
CA GLU A 371 2.24 29.40 7.53
C GLU A 371 2.43 28.02 8.15
N ILE A 372 3.47 27.88 8.97
CA ILE A 372 3.79 26.60 9.58
C ILE A 372 3.99 26.72 11.09
N LYS A 373 3.37 25.80 11.84
CA LYS A 373 3.72 25.59 13.25
C LYS A 373 4.22 24.16 13.42
N ILE A 374 5.27 24.00 14.24
CA ILE A 374 5.78 22.67 14.56
C ILE A 374 5.62 22.54 16.07
N VAL A 375 4.74 21.63 16.49
CA VAL A 375 4.25 21.66 17.88
C VAL A 375 4.39 20.34 18.66
N ASP A 376 4.46 20.46 20.00
CA ASP A 376 4.56 19.30 20.88
C ASP A 376 3.17 18.75 21.20
N GLU A 377 3.11 17.80 22.13
CA GLU A 377 1.85 17.15 22.55
C GLU A 377 0.80 18.10 23.14
N GLN A 378 1.22 19.26 23.63
CA GLN A 378 0.29 20.27 24.14
C GLN A 378 0.08 21.40 23.12
N TYR A 379 0.41 21.12 21.87
CA TYR A 379 0.21 22.05 20.76
C TYR A 379 0.91 23.40 20.95
N ARG A 380 1.98 23.38 21.73
CA ARG A 380 2.86 24.53 21.87
C ARG A 380 4.01 24.39 20.87
N GLU A 381 4.44 25.50 20.31
CA GLU A 381 5.55 25.50 19.32
C GLU A 381 6.86 25.07 19.98
N VAL A 382 7.51 24.09 19.36
CA VAL A 382 8.73 23.51 19.92
C VAL A 382 9.90 24.45 19.76
N PRO A 383 10.95 24.30 20.59
CA PRO A 383 12.19 25.04 20.36
C PRO A 383 12.69 24.80 18.93
N GLU A 384 13.30 25.82 18.33
CA GLU A 384 13.84 25.74 16.96
C GLU A 384 14.66 24.46 16.73
N GLY A 385 14.35 23.74 15.66
CA GLY A 385 15.12 22.55 15.29
C GLY A 385 14.64 21.23 15.87
N GLU A 386 13.71 21.29 16.82
CA GLU A 386 13.19 20.09 17.46
C GLU A 386 12.08 19.47 16.63
N ILE A 387 11.84 18.18 16.85
CA ILE A 387 10.78 17.45 16.15
C ILE A 387 9.44 17.76 16.77
N GLY A 388 8.46 18.04 15.92
CA GLY A 388 7.09 18.20 16.38
C GLY A 388 6.09 17.89 15.29
N MET A 389 4.80 17.98 15.63
CA MET A 389 3.72 17.76 14.68
C MET A 389 3.56 18.98 13.78
N LEU A 390 3.44 18.74 12.48
CA LEU A 390 3.28 19.82 11.50
C LEU A 390 1.86 20.36 11.50
N ALA A 391 1.72 21.68 11.61
CA ALA A 391 0.43 22.33 11.43
C ALA A 391 0.60 23.42 10.37
N THR A 392 -0.35 23.56 9.46
CA THR A 392 -0.17 24.47 8.32
C THR A 392 -1.49 25.08 7.79
N ARG A 393 -1.39 26.28 7.23
CA ARG A 393 -2.49 26.92 6.51
C ARG A 393 -1.82 27.84 5.50
N GLY A 394 -2.50 28.11 4.39
CA GLY A 394 -1.95 28.93 3.34
C GLY A 394 -2.91 29.10 2.17
N PRO A 395 -2.42 29.73 1.09
CA PRO A 395 -3.28 30.10 -0.06
C PRO A 395 -3.74 28.93 -0.92
N TYR A 396 -3.16 27.74 -0.73
CA TYR A 396 -3.62 26.55 -1.49
C TYR A 396 -3.85 25.33 -0.56
N THR A 397 -3.93 25.57 0.75
CA THR A 397 -4.28 24.51 1.70
C THR A 397 -5.77 24.61 2.05
N PHE A 398 -6.46 23.48 1.96
CA PHE A 398 -7.90 23.39 2.17
C PHE A 398 -8.33 23.78 3.59
N CYS A 399 -9.64 24.00 3.77
CA CYS A 399 -10.15 24.42 5.08
C CYS A 399 -11.06 23.38 5.69
N GLY A 400 -11.18 22.23 5.02
CA GLY A 400 -12.01 21.13 5.48
C GLY A 400 -12.31 20.09 4.40
N TYR A 401 -12.39 18.82 4.81
CA TYR A 401 -12.84 17.77 3.92
C TYR A 401 -14.30 17.97 3.55
N TYR A 402 -14.71 17.43 2.41
CA TYR A 402 -16.09 17.53 1.94
C TYR A 402 -17.08 16.88 2.90
N GLN A 403 -18.06 17.66 3.36
CA GLN A 403 -19.17 17.12 4.20
C GLN A 403 -18.66 16.28 5.36
N SER A 404 -17.65 16.77 6.07
CA SER A 404 -17.08 16.02 7.18
C SER A 404 -16.82 16.92 8.38
N PRO A 405 -17.89 17.53 8.95
CA PRO A 405 -17.65 18.49 10.05
C PRO A 405 -16.99 17.88 11.29
N GLU A 406 -17.32 16.62 11.62
CA GLU A 406 -16.72 15.96 12.79
C GLU A 406 -15.22 15.72 12.63
N HIS A 407 -14.83 15.13 11.51
CA HIS A 407 -13.41 14.89 11.26
C HIS A 407 -12.63 16.20 11.13
N ASN A 408 -13.23 17.19 10.47
CA ASN A 408 -12.62 18.52 10.35
C ASN A 408 -12.33 19.15 11.72
N SER A 409 -13.24 18.95 12.67
CA SER A 409 -13.04 19.50 14.02
C SER A 409 -11.86 18.82 14.70
N GLN A 410 -11.51 17.62 14.24
CA GLN A 410 -10.41 16.85 14.82
C GLN A 410 -9.03 17.15 14.22
N VAL A 411 -8.97 17.65 12.98
CA VAL A 411 -7.69 17.88 12.30
C VAL A 411 -7.36 19.37 12.05
N PHE A 412 -8.26 20.26 12.44
CA PHE A 412 -8.03 21.70 12.37
C PHE A 412 -8.06 22.30 13.78
N ASP A 413 -7.15 23.21 14.09
CA ASP A 413 -7.24 23.96 15.34
C ASP A 413 -8.11 25.21 15.17
N GLU A 414 -8.21 26.05 16.20
CA GLU A 414 -9.13 27.19 16.15
C GLU A 414 -8.64 28.30 15.21
N ASP A 415 -7.34 28.31 14.94
CA ASP A 415 -6.78 29.24 13.95
C ASP A 415 -6.78 28.66 12.54
N ASN A 416 -7.51 27.57 12.35
CA ASN A 416 -7.69 26.90 11.06
C ASN A 416 -6.42 26.34 10.43
N TYR A 417 -5.44 26.04 11.27
CA TYR A 417 -4.28 25.29 10.83
C TYR A 417 -4.67 23.83 10.69
N TYR A 418 -4.21 23.19 9.62
CA TYR A 418 -4.46 21.76 9.38
C TYR A 418 -3.31 20.92 9.91
N TYR A 419 -3.65 19.83 10.60
CA TYR A 419 -2.68 18.89 11.18
C TYR A 419 -2.62 17.61 10.37
N SER A 420 -1.53 17.47 9.62
CA SER A 420 -1.39 16.37 8.68
C SER A 420 -0.97 15.06 9.36
N GLY A 421 -0.53 15.17 10.61
CA GLY A 421 0.04 14.01 11.30
C GLY A 421 1.53 13.83 11.10
N ASP A 422 2.12 14.58 10.18
CA ASP A 422 3.55 14.47 9.92
C ASP A 422 4.40 15.03 11.05
N LEU A 423 5.47 14.31 11.38
CA LEU A 423 6.48 14.79 12.33
C LEU A 423 7.63 15.32 11.53
N VAL A 424 8.02 16.56 11.84
CA VAL A 424 9.00 17.27 11.05
C VAL A 424 9.92 18.08 11.97
N GLN A 425 11.06 18.50 11.43
CA GLN A 425 11.90 19.47 12.11
C GLN A 425 12.42 20.45 11.08
N ARG A 426 12.58 21.71 11.51
CA ARG A 426 13.16 22.75 10.68
C ARG A 426 14.67 22.63 10.80
N THR A 427 15.36 22.62 9.67
CA THR A 427 16.81 22.53 9.66
C THR A 427 17.40 23.95 9.81
N PRO A 428 18.64 24.07 10.31
CA PRO A 428 19.24 25.41 10.48
C PRO A 428 19.29 26.22 9.18
N ASP A 429 19.31 25.53 8.03
CA ASP A 429 19.33 26.15 6.70
C ASP A 429 17.97 26.75 6.25
N GLY A 430 16.90 26.42 6.96
CA GLY A 430 15.55 26.89 6.61
C GLY A 430 14.58 25.85 6.03
N ASN A 431 15.08 24.67 5.66
CA ASN A 431 14.24 23.62 5.04
C ASN A 431 13.57 22.72 6.07
N LEU A 432 12.69 21.83 5.62
CA LEU A 432 12.06 20.87 6.52
C LEU A 432 12.63 19.46 6.30
N ARG A 433 12.67 18.68 7.37
CA ARG A 433 12.99 17.26 7.35
C ARG A 433 11.81 16.48 7.91
N VAL A 434 11.27 15.56 7.12
CA VAL A 434 10.17 14.71 7.60
C VAL A 434 10.78 13.48 8.30
N VAL A 435 10.35 13.22 9.53
CA VAL A 435 10.97 12.15 10.33
C VAL A 435 9.99 11.06 10.74
N GLY A 436 8.70 11.32 10.60
CA GLY A 436 7.71 10.36 11.01
C GLY A 436 6.29 10.83 10.88
N ARG A 437 5.40 10.10 11.55
CA ARG A 437 3.99 10.40 11.51
C ARG A 437 3.35 9.99 12.82
N ILE A 438 2.35 10.75 13.25
CA ILE A 438 1.66 10.49 14.51
C ILE A 438 0.17 10.78 14.33
N LYS A 439 -0.70 10.10 15.07
CA LYS A 439 -2.14 10.40 14.98
C LYS A 439 -2.66 11.35 16.06
N LYS B 5 25.40 -28.95 1.96
CA LYS B 5 26.17 -29.10 3.23
C LYS B 5 25.92 -27.91 4.17
N GLN B 6 26.27 -26.70 3.73
CA GLN B 6 26.17 -25.51 4.57
C GLN B 6 24.72 -25.07 4.82
N LEU B 7 24.33 -24.95 6.09
CA LEU B 7 22.98 -24.44 6.44
C LEU B 7 22.88 -22.94 6.17
N ILE B 8 21.67 -22.47 5.89
CA ILE B 8 21.38 -21.06 5.66
C ILE B 8 21.92 -20.24 6.85
N GLU B 9 22.66 -19.18 6.54
CA GLU B 9 23.28 -18.32 7.54
C GLU B 9 22.28 -17.29 8.09
N PHE B 10 22.37 -17.03 9.39
CA PHE B 10 21.50 -16.07 10.08
C PHE B 10 22.21 -15.59 11.34
N VAL B 11 21.64 -14.58 12.01
CA VAL B 11 22.24 -14.06 13.25
C VAL B 11 21.61 -14.75 14.46
N ARG B 12 22.46 -15.44 15.23
CA ARG B 12 22.00 -16.21 16.37
C ARG B 12 21.77 -15.32 17.58
N TRP B 13 20.91 -15.79 18.47
CA TRP B 13 20.80 -15.24 19.81
C TRP B 13 22.10 -15.54 20.54
N SER B 14 22.44 -14.72 21.53
CA SER B 14 23.58 -15.00 22.40
C SER B 14 23.34 -16.36 23.11
N PRO B 15 24.40 -17.12 23.41
CA PRO B 15 24.14 -18.41 24.05
C PRO B 15 23.46 -18.33 25.43
N GLU B 16 23.70 -17.24 26.18
CA GLU B 16 23.02 -17.01 27.46
C GLU B 16 21.50 -16.90 27.27
N ARG B 17 21.08 -16.13 26.27
CA ARG B 17 19.65 -15.99 25.96
C ARG B 17 19.04 -17.30 25.49
N ALA B 18 19.75 -18.00 24.61
CA ALA B 18 19.31 -19.32 24.14
C ALA B 18 19.02 -20.27 25.31
N GLN B 19 19.96 -20.35 26.24
CA GLN B 19 19.79 -21.21 27.42
C GLN B 19 18.60 -20.80 28.26
N HIS B 20 18.44 -19.49 28.48
CA HIS B 20 17.31 -18.99 29.25
C HIS B 20 15.97 -19.38 28.60
N TYR B 21 15.90 -19.22 27.29
CA TYR B 21 14.65 -19.54 26.55
C TYR B 21 14.34 -21.04 26.56
N ARG B 22 15.38 -21.88 26.58
CA ARG B 22 15.17 -23.32 26.81
C ARG B 22 14.76 -23.61 28.25
N ASN B 23 15.46 -23.01 29.21
CA ASN B 23 15.12 -23.19 30.63
C ASN B 23 13.68 -22.81 30.93
N LYS B 24 13.20 -21.73 30.31
CA LYS B 24 11.83 -21.27 30.49
C LYS B 24 10.79 -22.13 29.79
N GLY B 25 11.25 -23.05 28.93
CA GLY B 25 10.33 -23.92 28.20
C GLY B 25 9.79 -23.31 26.91
N TYR B 26 10.31 -22.14 26.53
CA TYR B 26 9.88 -21.47 25.30
C TYR B 26 10.42 -22.22 24.08
N TRP B 27 11.72 -22.49 24.06
CA TRP B 27 12.35 -23.27 22.99
C TRP B 27 12.37 -24.74 23.43
N ILE B 28 11.66 -25.59 22.69
CA ILE B 28 11.56 -27.01 23.04
C ILE B 28 12.34 -27.88 22.05
N ASP B 29 13.04 -27.20 21.14
CA ASP B 29 13.92 -27.83 20.15
C ASP B 29 13.25 -28.91 19.29
N GLN B 30 12.01 -28.63 18.87
CA GLN B 30 11.28 -29.49 17.94
C GLN B 30 11.07 -28.73 16.64
N PRO B 31 11.06 -29.45 15.49
CA PRO B 31 10.79 -28.75 14.22
C PRO B 31 9.34 -28.30 14.19
N LEU B 32 9.02 -27.30 13.37
CA LEU B 32 7.63 -26.85 13.19
C LEU B 32 6.68 -27.98 12.77
N THR B 33 7.24 -29.03 12.17
CA THR B 33 6.44 -30.22 11.82
C THR B 33 5.77 -30.91 13.03
N ARG B 34 6.28 -30.64 14.25
CA ARG B 34 5.64 -31.09 15.50
C ARG B 34 4.12 -30.92 15.49
N ILE B 35 3.67 -29.78 14.97
CA ILE B 35 2.23 -29.49 14.87
C ILE B 35 1.44 -30.63 14.19
N LEU B 36 1.97 -31.14 13.09
CA LEU B 36 1.37 -32.24 12.35
C LEU B 36 1.56 -33.58 13.05
N THR B 37 2.80 -33.88 13.38
CA THR B 37 3.21 -35.08 14.09
C THR B 37 2.30 -35.34 15.28
N VAL B 38 2.21 -34.37 16.18
CA VAL B 38 1.36 -34.49 17.36
C VAL B 38 -0.12 -34.61 16.99
N GLY B 39 -0.56 -33.81 16.02
CA GLY B 39 -1.96 -33.82 15.60
C GLY B 39 -2.39 -35.16 15.03
N VAL B 40 -1.50 -35.82 14.31
CA VAL B 40 -1.78 -37.13 13.75
C VAL B 40 -1.87 -38.19 14.86
N GLN B 41 -1.02 -38.06 15.88
CA GLN B 41 -1.06 -38.95 17.04
C GLN B 41 -2.37 -38.80 17.82
N SER B 42 -2.79 -37.56 18.05
CA SER B 42 -3.94 -37.27 18.94
C SER B 42 -5.34 -37.34 18.30
N HIS B 43 -5.46 -36.83 17.08
CA HIS B 43 -6.78 -36.69 16.45
C HIS B 43 -6.67 -36.73 14.92
N PRO B 44 -6.21 -37.86 14.37
CA PRO B 44 -5.87 -37.97 12.95
C PRO B 44 -7.01 -37.64 12.00
N HIS B 45 -8.25 -37.88 12.44
CA HIS B 45 -9.41 -37.72 11.55
C HIS B 45 -10.20 -36.41 11.76
N SER B 46 -9.76 -35.58 12.71
CA SER B 46 -10.27 -34.21 12.83
C SER B 46 -9.95 -33.48 11.54
N LEU B 47 -10.82 -32.56 11.15
CA LEU B 47 -10.54 -31.69 10.01
C LEU B 47 -9.47 -30.65 10.34
N ALA B 48 -8.47 -30.53 9.47
CA ALA B 48 -7.41 -29.54 9.59
C ALA B 48 -7.63 -28.34 8.68
N ILE B 49 -8.02 -28.60 7.43
CA ILE B 49 -8.23 -27.54 6.45
C ILE B 49 -9.51 -27.77 5.65
N ILE B 50 -10.33 -26.73 5.56
CA ILE B 50 -11.46 -26.71 4.65
C ILE B 50 -11.12 -25.66 3.61
N CYS B 51 -11.14 -26.07 2.34
CA CYS B 51 -10.85 -25.18 1.23
C CYS B 51 -11.88 -25.42 0.12
N GLY B 52 -12.87 -24.53 0.03
CA GLY B 52 -13.98 -24.69 -0.94
C GLY B 52 -14.68 -26.02 -0.71
N GLU B 53 -14.56 -26.92 -1.68
CA GLU B 53 -15.14 -28.26 -1.62
C GLU B 53 -14.24 -29.31 -0.95
N ARG B 54 -12.95 -29.00 -0.81
CA ARG B 54 -12.01 -29.94 -0.21
C ARG B 54 -12.06 -29.85 1.32
N GLN B 55 -11.93 -30.99 1.97
CA GLN B 55 -11.77 -31.06 3.42
C GLN B 55 -10.64 -32.04 3.74
N LEU B 56 -9.58 -31.54 4.39
CA LEU B 56 -8.44 -32.40 4.75
C LEU B 56 -8.34 -32.60 6.24
N SER B 57 -8.24 -33.87 6.65
CA SER B 57 -7.97 -34.19 8.05
C SER B 57 -6.48 -34.02 8.34
N TYR B 58 -6.13 -34.07 9.61
CA TYR B 58 -4.73 -34.04 10.03
C TYR B 58 -3.87 -35.12 9.38
N ILE B 59 -4.37 -36.35 9.35
CA ILE B 59 -3.60 -37.45 8.74
C ILE B 59 -3.43 -37.27 7.23
N GLU B 60 -4.45 -36.73 6.55
CA GLU B 60 -4.33 -36.48 5.11
C GLU B 60 -3.32 -35.36 4.86
N LEU B 61 -3.38 -34.30 5.67
CA LEU B 61 -2.42 -33.20 5.54
C LEU B 61 -1.00 -33.72 5.74
N ASP B 62 -0.83 -34.59 6.73
CA ASP B 62 0.47 -35.21 7.01
C ASP B 62 0.95 -36.07 5.83
N ARG B 63 0.10 -36.96 5.33
CA ARG B 63 0.45 -37.86 4.23
C ARG B 63 0.81 -37.10 2.95
N LEU B 64 -0.05 -36.14 2.58
CA LEU B 64 0.18 -35.33 1.37
C LEU B 64 1.47 -34.49 1.44
N SER B 65 1.76 -33.88 2.61
CA SER B 65 3.02 -33.14 2.76
C SER B 65 4.23 -34.08 2.78
N THR B 66 4.08 -35.25 3.42
CA THR B 66 5.14 -36.28 3.33
C THR B 66 5.42 -36.67 1.88
N ASN B 67 4.35 -36.90 1.10
CA ASN B 67 4.52 -37.27 -0.32
C ASN B 67 5.40 -36.29 -1.07
N LEU B 68 5.05 -35.01 -0.98
CA LEU B 68 5.84 -33.97 -1.63
C LEU B 68 7.30 -33.95 -1.13
N ALA B 69 7.48 -34.04 0.19
CA ALA B 69 8.84 -34.13 0.75
C ALA B 69 9.68 -35.28 0.13
N THR B 70 9.11 -36.49 0.05
CA THR B 70 9.86 -37.63 -0.51
C THR B 70 10.33 -37.33 -1.93
N ARG B 71 9.50 -36.62 -2.69
CA ARG B 71 9.80 -36.35 -4.09
C ARG B 71 10.89 -35.31 -4.26
N LEU B 72 10.91 -34.32 -3.35
CA LEU B 72 11.99 -33.32 -3.36
C LEU B 72 13.33 -33.91 -2.93
N ALA B 73 13.29 -34.74 -1.90
CA ALA B 73 14.47 -35.43 -1.39
C ALA B 73 15.06 -36.31 -2.49
N GLU B 74 14.18 -37.05 -3.18
CA GLU B 74 14.57 -37.91 -4.30
C GLU B 74 15.28 -37.11 -5.38
N LYS B 75 14.87 -35.86 -5.57
CA LYS B 75 15.51 -34.97 -6.55
C LYS B 75 16.74 -34.23 -6.02
N GLY B 76 17.17 -34.59 -4.80
CA GLY B 76 18.39 -34.01 -4.23
C GLY B 76 18.20 -32.63 -3.61
N LEU B 77 16.95 -32.26 -3.34
CA LEU B 77 16.66 -30.99 -2.67
C LEU B 77 16.49 -31.21 -1.18
N GLY B 78 17.32 -30.51 -0.41
CA GLY B 78 17.33 -30.72 1.04
C GLY B 78 18.10 -29.64 1.76
N LYS B 79 18.78 -30.06 2.81
CA LYS B 79 19.42 -29.13 3.73
C LYS B 79 20.45 -28.26 3.03
N GLY B 80 20.35 -26.96 3.24
CA GLY B 80 21.21 -26.01 2.55
C GLY B 80 20.56 -25.44 1.30
N ASP B 81 19.48 -26.06 0.83
CA ASP B 81 18.76 -25.55 -0.35
C ASP B 81 17.55 -24.69 0.04
N THR B 82 17.13 -23.84 -0.90
CA THR B 82 15.99 -22.95 -0.71
C THR B 82 14.90 -23.17 -1.76
N ALA B 83 13.70 -22.68 -1.44
CA ALA B 83 12.55 -22.70 -2.35
C ALA B 83 11.82 -21.39 -2.27
N LEU B 84 11.26 -20.98 -3.40
CA LEU B 84 10.37 -19.82 -3.46
C LEU B 84 9.00 -20.34 -3.85
N VAL B 85 8.00 -20.04 -3.02
CA VAL B 85 6.64 -20.49 -3.21
C VAL B 85 5.70 -19.28 -3.32
N GLN B 86 4.83 -19.30 -4.33
CA GLN B 86 3.80 -18.29 -4.46
C GLN B 86 2.46 -18.96 -4.79
N LEU B 87 1.64 -19.14 -3.78
CA LEU B 87 0.35 -19.78 -3.95
C LEU B 87 -0.74 -18.91 -3.37
N PRO B 88 -1.97 -19.03 -3.89
CA PRO B 88 -3.10 -18.31 -3.30
C PRO B 88 -3.58 -18.99 -2.02
N ASN B 89 -4.68 -18.50 -1.47
CA ASN B 89 -5.21 -19.00 -0.21
C ASN B 89 -5.94 -20.32 -0.39
N VAL B 90 -5.16 -21.37 -0.66
CA VAL B 90 -5.70 -22.70 -0.93
C VAL B 90 -5.02 -23.73 -0.03
N ALA B 91 -5.65 -24.90 0.14
CA ALA B 91 -5.10 -25.97 0.98
C ALA B 91 -3.66 -26.32 0.61
N GLU B 92 -3.35 -26.29 -0.68
CA GLU B 92 -2.00 -26.58 -1.16
C GLU B 92 -0.92 -25.70 -0.53
N PHE B 93 -1.26 -24.47 -0.15
CA PHE B 93 -0.28 -23.64 0.55
C PHE B 93 0.32 -24.36 1.77
N TYR B 94 -0.52 -24.95 2.61
CA TYR B 94 -0.03 -25.58 3.84
C TYR B 94 0.60 -26.94 3.57
N ILE B 95 0.09 -27.65 2.58
CA ILE B 95 0.68 -28.92 2.18
C ILE B 95 2.14 -28.69 1.78
N VAL B 96 2.34 -27.67 0.95
CA VAL B 96 3.67 -27.30 0.49
C VAL B 96 4.56 -26.80 1.65
N PHE B 97 4.01 -25.94 2.50
CA PHE B 97 4.80 -25.39 3.61
C PHE B 97 5.35 -26.52 4.49
N PHE B 98 4.47 -27.44 4.88
CA PHE B 98 4.88 -28.57 5.72
C PHE B 98 5.79 -29.58 5.00
N ALA B 99 5.59 -29.74 3.69
CA ALA B 99 6.49 -30.58 2.90
C ALA B 99 7.92 -30.05 2.92
N LEU B 100 8.05 -28.73 2.84
CA LEU B 100 9.34 -28.09 2.77
C LEU B 100 10.01 -28.12 4.14
N LEU B 101 9.22 -27.87 5.18
CA LEU B 101 9.67 -28.04 6.58
C LEU B 101 10.17 -29.47 6.82
N LYS B 102 9.39 -30.47 6.41
CA LYS B 102 9.80 -31.89 6.50
C LYS B 102 11.10 -32.19 5.76
N ALA B 103 11.26 -31.62 4.57
CA ALA B 103 12.40 -31.94 3.68
C ALA B 103 13.69 -31.21 4.05
N GLY B 104 13.58 -30.19 4.87
CA GLY B 104 14.75 -29.41 5.28
C GLY B 104 15.11 -28.31 4.30
N VAL B 105 14.16 -27.93 3.45
CA VAL B 105 14.37 -26.89 2.47
C VAL B 105 13.83 -25.58 3.04
N VAL B 106 14.68 -24.55 3.10
CA VAL B 106 14.27 -23.25 3.66
C VAL B 106 13.42 -22.49 2.63
N VAL B 107 12.18 -22.20 2.99
CA VAL B 107 11.23 -21.62 2.03
C VAL B 107 10.99 -20.12 2.27
N LEU B 108 10.87 -19.37 1.17
CA LEU B 108 10.33 -18.01 1.20
C LEU B 108 8.95 -18.11 0.52
N ASN B 109 7.90 -17.75 1.26
CA ASN B 109 6.56 -17.68 0.72
C ASN B 109 6.31 -16.27 0.22
N ALA B 110 6.29 -16.07 -1.10
CA ALA B 110 5.94 -14.76 -1.64
C ALA B 110 4.45 -14.53 -1.45
N LEU B 111 4.03 -13.28 -1.32
CA LEU B 111 2.62 -12.96 -1.37
C LEU B 111 2.10 -13.24 -2.79
N TYR B 112 0.88 -13.75 -2.88
CA TYR B 112 0.28 -13.96 -4.17
C TYR B 112 0.15 -12.64 -4.95
N SER B 113 0.03 -11.53 -4.21
CA SER B 113 -0.01 -10.19 -4.80
C SER B 113 1.34 -9.70 -5.32
N HIS B 114 2.43 -10.39 -4.96
CA HIS B 114 3.75 -9.98 -5.47
C HIS B 114 3.87 -10.22 -6.98
N ARG B 115 4.70 -9.42 -7.62
CA ARG B 115 4.82 -9.45 -9.07
C ARG B 115 6.25 -9.82 -9.48
N GLN B 116 6.57 -9.75 -10.77
CA GLN B 116 7.90 -10.10 -11.30
C GLN B 116 9.04 -9.39 -10.57
N TYR B 117 8.87 -8.11 -10.29
CA TYR B 117 9.90 -7.33 -9.60
C TYR B 117 10.29 -7.94 -8.24
N GLU B 118 9.29 -8.28 -7.43
CA GLU B 118 9.58 -8.88 -6.12
C GLU B 118 10.14 -10.29 -6.25
N LEU B 119 9.49 -11.11 -7.09
CA LEU B 119 9.94 -12.48 -7.32
C LEU B 119 11.40 -12.51 -7.83
N ASN B 120 11.74 -11.61 -8.76
CA ASN B 120 13.12 -11.51 -9.23
C ASN B 120 14.12 -11.22 -8.11
N ALA B 121 13.79 -10.25 -7.26
CA ALA B 121 14.64 -9.88 -6.13
C ALA B 121 14.75 -11.04 -5.11
N PHE B 122 13.64 -11.75 -4.85
CA PHE B 122 13.69 -12.89 -3.94
C PHE B 122 14.61 -13.98 -4.49
N ILE B 123 14.43 -14.28 -5.77
CA ILE B 123 15.22 -15.30 -6.44
C ILE B 123 16.72 -14.97 -6.40
N LYS B 124 17.07 -13.72 -6.69
CA LYS B 124 18.47 -13.29 -6.63
C LYS B 124 19.06 -13.46 -5.23
N GLN B 125 18.25 -13.22 -4.21
CA GLN B 125 18.71 -13.33 -2.83
C GLN B 125 18.91 -14.77 -2.34
N ILE B 126 17.95 -15.67 -2.61
CA ILE B 126 18.02 -17.02 -2.02
C ILE B 126 18.44 -18.13 -2.97
N GLN B 127 18.52 -17.82 -4.26
CA GLN B 127 18.92 -18.77 -5.31
C GLN B 127 18.18 -20.09 -5.13
N PRO B 128 16.83 -20.07 -5.22
CA PRO B 128 16.06 -21.26 -4.94
C PRO B 128 16.25 -22.32 -6.02
N LYS B 129 16.34 -23.58 -5.59
CA LYS B 129 16.40 -24.70 -6.51
C LYS B 129 14.99 -25.23 -6.84
N LEU B 130 14.00 -24.74 -6.08
CA LEU B 130 12.61 -25.09 -6.32
C LEU B 130 11.77 -23.82 -6.38
N LEU B 131 10.96 -23.72 -7.43
CA LEU B 131 9.95 -22.67 -7.56
C LEU B 131 8.58 -23.33 -7.67
N ILE B 132 7.66 -22.92 -6.81
CA ILE B 132 6.28 -23.37 -6.90
C ILE B 132 5.36 -22.17 -7.12
N GLY B 133 4.58 -22.20 -8.20
CA GLY B 133 3.65 -21.12 -8.51
C GLY B 133 2.33 -21.64 -9.05
N SER B 134 1.51 -20.72 -9.56
CA SER B 134 0.22 -21.07 -10.16
C SER B 134 0.10 -20.43 -11.53
N ARG B 135 -0.40 -21.21 -12.49
CA ARG B 135 -0.58 -20.73 -13.85
C ARG B 135 -1.69 -19.68 -13.97
N GLN B 136 -2.50 -19.54 -12.93
CA GLN B 136 -3.47 -18.46 -12.90
C GLN B 136 -2.86 -17.10 -12.57
N HIS B 137 -1.68 -17.10 -11.96
CA HIS B 137 -1.01 -15.85 -11.61
C HIS B 137 -0.50 -15.16 -12.87
N GLU B 138 -0.66 -13.83 -12.93
CA GLU B 138 -0.21 -13.03 -14.07
C GLU B 138 1.26 -13.30 -14.46
N VAL B 139 2.14 -13.48 -13.48
CA VAL B 139 3.55 -13.74 -13.77
C VAL B 139 3.76 -15.06 -14.55
N PHE B 140 2.85 -16.01 -14.37
CA PHE B 140 2.96 -17.33 -15.00
C PHE B 140 1.92 -17.57 -16.10
N SER B 141 1.29 -16.49 -16.57
CA SER B 141 0.33 -16.58 -17.69
C SER B 141 1.05 -16.97 -18.97
N ASN B 142 2.35 -16.71 -19.02
CA ASN B 142 3.23 -17.19 -20.08
C ASN B 142 4.59 -17.60 -19.50
N ASN B 143 5.58 -17.84 -20.34
CA ASN B 143 6.89 -18.32 -19.89
C ASN B 143 7.99 -17.26 -19.86
N GLN B 144 7.62 -16.01 -20.13
CA GLN B 144 8.61 -14.94 -20.20
C GLN B 144 9.45 -14.83 -18.91
N PHE B 145 8.77 -14.76 -17.76
CA PHE B 145 9.50 -14.67 -16.48
C PHE B 145 10.42 -15.87 -16.24
N ILE B 146 9.86 -17.08 -16.34
CA ILE B 146 10.63 -18.31 -16.18
C ILE B 146 11.84 -18.34 -17.10
N ASP B 147 11.63 -18.06 -18.39
CA ASP B 147 12.72 -18.03 -19.37
C ASP B 147 13.76 -16.94 -19.08
N SER B 148 13.34 -15.79 -18.55
CA SER B 148 14.27 -14.73 -18.19
C SER B 148 15.29 -15.19 -17.12
N LEU B 149 14.91 -16.17 -16.32
CA LEU B 149 15.78 -16.70 -15.27
C LEU B 149 17.01 -17.43 -15.83
N HIS B 150 16.87 -18.07 -16.99
CA HIS B 150 17.97 -18.71 -17.68
CA HIS B 150 18.00 -18.71 -17.65
C HIS B 150 19.06 -17.68 -18.04
N ASP B 151 18.63 -16.54 -18.56
CA ASP B 151 19.54 -15.46 -18.98
C ASP B 151 20.48 -14.97 -17.89
N VAL B 152 20.02 -14.99 -16.63
CA VAL B 152 20.85 -14.53 -15.51
C VAL B 152 21.39 -15.65 -14.62
N ASN B 153 21.28 -16.89 -15.12
CA ASN B 153 21.80 -18.08 -14.44
C ASN B 153 21.16 -18.37 -13.09
N LEU B 154 19.84 -18.19 -13.00
CA LEU B 154 19.12 -18.38 -11.75
C LEU B 154 17.92 -19.32 -11.88
N SER B 155 17.90 -20.13 -12.95
CA SER B 155 16.81 -21.10 -13.13
C SER B 155 16.79 -22.08 -11.96
N PRO B 156 15.60 -22.30 -11.37
CA PRO B 156 15.48 -23.39 -10.41
C PRO B 156 15.67 -24.73 -11.11
N GLU B 157 16.04 -25.77 -10.36
CA GLU B 157 16.10 -27.11 -10.91
C GLU B 157 14.70 -27.66 -11.14
N ILE B 158 13.76 -27.27 -10.29
CA ILE B 158 12.41 -27.81 -10.33
C ILE B 158 11.39 -26.68 -10.29
N ILE B 159 10.44 -26.72 -11.21
CA ILE B 159 9.28 -25.83 -11.19
C ILE B 159 8.02 -26.67 -11.14
N LEU B 160 7.19 -26.41 -10.13
CA LEU B 160 5.88 -27.05 -10.02
C LEU B 160 4.79 -25.99 -10.18
N MET B 161 3.72 -26.33 -10.89
CA MET B 161 2.62 -25.41 -11.10
C MET B 161 1.29 -25.95 -10.64
N LEU B 162 0.60 -25.16 -9.83
CA LEU B 162 -0.82 -25.34 -9.56
C LEU B 162 -1.52 -24.96 -10.86
N ASN B 163 -2.65 -25.59 -11.19
CA ASN B 163 -3.32 -25.33 -12.48
C ASN B 163 -2.35 -25.49 -13.65
N HIS B 164 -1.49 -26.50 -13.55
CA HIS B 164 -0.49 -26.84 -14.55
C HIS B 164 -1.08 -26.93 -15.95
N GLN B 165 -0.32 -26.47 -16.93
CA GLN B 165 -0.71 -26.54 -18.34
C GLN B 165 0.29 -27.41 -19.11
N ALA B 166 0.03 -27.62 -20.40
CA ALA B 166 0.71 -28.64 -21.22
C ALA B 166 1.99 -29.25 -20.65
N THR B 167 3.13 -28.57 -20.73
CA THR B 167 4.39 -29.24 -20.35
C THR B 167 4.80 -29.12 -18.88
N ASP B 168 3.96 -28.51 -18.05
CA ASP B 168 4.33 -28.30 -16.64
C ASP B 168 4.34 -29.57 -15.81
N PHE B 169 5.22 -29.61 -14.80
CA PHE B 169 4.99 -30.51 -13.67
C PHE B 169 3.81 -30.00 -12.86
N GLY B 170 2.84 -30.87 -12.61
CA GLY B 170 1.67 -30.49 -11.81
C GLY B 170 1.97 -30.55 -10.33
N LEU B 171 1.65 -29.47 -9.60
CA LEU B 171 1.84 -29.47 -8.15
C LEU B 171 1.07 -30.60 -7.47
N LEU B 172 -0.20 -30.76 -7.81
CA LEU B 172 -1.04 -31.78 -7.20
C LEU B 172 -0.52 -33.18 -7.51
N ASP B 173 0.12 -33.32 -8.66
CA ASP B 173 0.72 -34.60 -9.05
C ASP B 173 1.90 -34.97 -8.13
N TRP B 174 2.68 -33.97 -7.70
CA TRP B 174 3.81 -34.24 -6.78
C TRP B 174 3.34 -34.39 -5.33
N ILE B 175 2.08 -34.05 -5.09
CA ILE B 175 1.47 -34.16 -3.78
C ILE B 175 0.69 -35.47 -3.61
N GLU B 176 0.09 -35.95 -4.70
CA GLU B 176 -0.89 -37.06 -4.67
C GLU B 176 -0.28 -38.38 -4.19
N THR B 177 0.94 -38.64 -4.61
CA THR B 177 1.62 -39.89 -4.30
C THR B 177 3.07 -39.61 -3.92
N PRO B 178 3.66 -40.47 -3.07
CA PRO B 178 5.06 -40.28 -2.68
C PRO B 178 6.01 -40.73 -3.79
N ALA B 179 7.30 -40.48 -3.59
CA ALA B 179 8.34 -40.92 -4.51
C ALA B 179 8.43 -42.45 -4.51
N GLU B 180 8.90 -42.99 -5.64
CA GLU B 180 9.10 -44.44 -5.79
C GLU B 180 10.26 -44.94 -4.94
N THR B 181 11.36 -44.17 -4.91
CA THR B 181 12.57 -44.56 -4.19
C THR B 181 12.82 -43.71 -2.94
N PHE B 182 13.35 -44.36 -1.91
CA PHE B 182 13.65 -43.74 -0.62
C PHE B 182 14.96 -42.97 -0.68
N VAL B 183 14.90 -41.71 -0.27
CA VAL B 183 16.08 -40.92 0.05
C VAL B 183 15.80 -40.26 1.39
N ASP B 184 16.76 -40.34 2.30
CA ASP B 184 16.57 -39.80 3.64
C ASP B 184 16.47 -38.28 3.63
N PHE B 185 15.64 -37.76 4.52
CA PHE B 185 15.47 -36.33 4.69
C PHE B 185 15.03 -36.07 6.11
N SER B 186 15.25 -34.85 6.58
CA SER B 186 14.76 -34.40 7.88
C SER B 186 14.72 -32.88 7.87
N SER B 187 13.94 -32.30 8.78
CA SER B 187 13.90 -30.84 8.95
C SER B 187 15.29 -30.30 9.23
N THR B 188 15.50 -29.01 8.99
CA THR B 188 16.70 -28.35 9.49
C THR B 188 16.64 -28.39 11.03
N PRO B 189 17.80 -28.26 11.72
CA PRO B 189 17.80 -28.32 13.20
C PRO B 189 16.93 -27.23 13.85
N ALA B 190 16.39 -27.50 15.04
CA ALA B 190 15.37 -26.63 15.63
C ALA B 190 15.84 -25.20 15.94
N ASP B 191 17.14 -25.03 16.20
CA ASP B 191 17.73 -23.69 16.40
C ASP B 191 18.43 -23.16 15.16
N GLU B 192 18.05 -23.70 14.01
CA GLU B 192 18.53 -23.21 12.72
C GLU B 192 17.33 -22.72 11.91
N VAL B 193 17.58 -22.11 10.75
CA VAL B 193 16.52 -21.42 9.98
C VAL B 193 15.53 -22.44 9.44
N ALA B 194 14.24 -22.19 9.66
CA ALA B 194 13.17 -23.03 9.09
C ALA B 194 12.64 -22.40 7.79
N PHE B 195 12.37 -21.10 7.82
CA PHE B 195 11.86 -20.40 6.64
C PHE B 195 12.12 -18.91 6.77
N PHE B 196 11.86 -18.15 5.70
CA PHE B 196 12.03 -16.70 5.76
C PHE B 196 10.68 -16.04 5.85
N GLN B 197 10.50 -15.20 6.86
CA GLN B 197 9.38 -14.27 6.85
C GLN B 197 9.75 -13.04 6.02
N LEU B 198 8.79 -12.14 5.80
CA LEU B 198 9.07 -10.92 5.05
C LEU B 198 8.65 -9.69 5.85
N SER B 199 9.45 -8.63 5.80
CA SER B 199 9.10 -7.38 6.47
C SER B 199 7.90 -6.71 5.78
N GLY B 200 7.17 -5.88 6.53
CA GLY B 200 6.13 -5.00 5.97
C GLY B 200 6.61 -3.57 5.82
N GLY B 201 5.97 -2.81 4.92
CA GLY B 201 6.28 -1.40 4.69
C GLY B 201 7.72 -0.99 4.40
N SER B 202 8.53 -1.92 3.88
CA SER B 202 9.95 -1.68 3.54
C SER B 202 10.07 -0.68 2.38
N THR B 203 11.17 0.07 2.31
CA THR B 203 11.31 1.07 1.23
C THR B 203 11.48 0.42 -0.17
N GLY B 204 12.36 -0.58 -0.27
CA GLY B 204 12.45 -1.41 -1.48
C GLY B 204 11.56 -2.65 -1.39
N THR B 205 12.07 -3.78 -1.89
CA THR B 205 11.34 -5.04 -1.76
C THR B 205 11.34 -5.47 -0.28
N PRO B 206 10.36 -6.29 0.13
CA PRO B 206 10.38 -6.78 1.51
C PRO B 206 11.71 -7.44 1.90
N LYS B 207 12.21 -7.13 3.09
CA LYS B 207 13.45 -7.75 3.57
C LYS B 207 13.16 -9.15 4.14
N LEU B 208 14.14 -10.04 4.03
CA LEU B 208 13.97 -11.43 4.46
C LEU B 208 14.35 -11.60 5.94
N ILE B 209 13.45 -12.22 6.70
CA ILE B 209 13.58 -12.39 8.15
C ILE B 209 13.76 -13.88 8.45
N PRO B 210 14.98 -14.32 8.79
CA PRO B 210 15.09 -15.75 9.14
C PRO B 210 14.30 -16.06 10.41
N ARG B 211 13.55 -17.14 10.39
CA ARG B 211 12.81 -17.62 11.56
C ARG B 211 13.22 -19.07 11.81
N THR B 212 13.62 -19.38 13.04
CA THR B 212 13.99 -20.75 13.40
C THR B 212 12.74 -21.52 13.80
N HIS B 213 12.85 -22.85 13.83
CA HIS B 213 11.76 -23.69 14.33
C HIS B 213 11.44 -23.35 15.77
N ASN B 214 12.47 -23.24 16.61
CA ASN B 214 12.26 -22.94 18.04
C ASN B 214 11.43 -21.68 18.24
N ASP B 215 11.85 -20.61 17.57
CA ASP B 215 11.27 -19.31 17.81
C ASP B 215 9.86 -19.20 17.24
N TYR B 216 9.66 -19.75 16.03
CA TYR B 216 8.34 -19.64 15.42
C TYR B 216 7.35 -20.56 16.13
N ASP B 217 7.79 -21.78 16.44
CA ASP B 217 6.92 -22.71 17.17
C ASP B 217 6.52 -22.15 18.54
N TYR B 218 7.46 -21.55 19.26
CA TYR B 218 7.11 -20.89 20.54
C TYR B 218 6.02 -19.83 20.37
N SER B 219 6.20 -18.94 19.39
CA SER B 219 5.25 -17.84 19.18
C SER B 219 3.87 -18.42 18.85
N VAL B 220 3.86 -19.52 18.10
CA VAL B 220 2.64 -20.20 17.72
C VAL B 220 1.93 -20.83 18.92
N ARG B 221 2.65 -21.66 19.69
CA ARG B 221 2.10 -22.34 20.87
C ARG B 221 1.54 -21.35 21.90
N ALA B 222 2.32 -20.31 22.21
CA ALA B 222 1.93 -19.34 23.22
C ALA B 222 0.75 -18.45 22.76
N SER B 223 0.72 -18.10 21.47
CA SER B 223 -0.39 -17.34 20.89
C SER B 223 -1.67 -18.13 20.93
N ALA B 224 -1.56 -19.42 20.63
CA ALA B 224 -2.73 -20.30 20.63
C ALA B 224 -3.37 -20.33 22.02
N GLU B 225 -2.52 -20.33 23.05
CA GLU B 225 -2.98 -20.34 24.43
C GLU B 225 -3.64 -19.00 24.81
N ILE B 226 -3.00 -17.90 24.43
CA ILE B 226 -3.51 -16.54 24.70
C ILE B 226 -4.90 -16.33 24.08
N CYS B 227 -5.09 -16.86 22.87
CA CYS B 227 -6.33 -16.66 22.13
C CYS B 227 -7.38 -17.72 22.41
N GLY B 228 -7.07 -18.65 23.33
CA GLY B 228 -8.05 -19.65 23.78
C GLY B 228 -8.44 -20.69 22.75
N LEU B 229 -7.54 -20.96 21.81
CA LEU B 229 -7.84 -21.89 20.72
C LEU B 229 -8.01 -23.30 21.26
N ASN B 230 -8.89 -24.08 20.61
CA ASN B 230 -9.11 -25.48 20.98
C ASN B 230 -9.56 -26.27 19.77
N SER B 231 -9.96 -27.52 19.97
CA SER B 231 -10.33 -28.40 18.86
C SER B 231 -11.57 -27.96 18.10
N ASN B 232 -12.37 -27.09 18.73
CA ASN B 232 -13.59 -26.57 18.12
C ASN B 232 -13.41 -25.24 17.36
N THR B 233 -12.19 -24.70 17.41
CA THR B 233 -11.86 -23.48 16.68
C THR B 233 -11.92 -23.73 15.18
N ARG B 234 -12.61 -22.83 14.47
CA ARG B 234 -12.68 -22.83 13.03
C ARG B 234 -12.32 -21.43 12.58
N LEU B 235 -11.11 -21.29 12.03
CA LEU B 235 -10.54 -19.97 11.76
C LEU B 235 -10.60 -19.66 10.29
N LEU B 236 -11.23 -18.54 9.96
CA LEU B 236 -11.20 -18.04 8.59
C LEU B 236 -9.82 -17.50 8.26
N CYS B 237 -9.28 -17.95 7.13
CA CYS B 237 -8.02 -17.46 6.61
CA CYS B 237 -8.03 -17.43 6.64
C CYS B 237 -8.29 -16.59 5.38
N ALA B 238 -8.68 -15.34 5.60
CA ALA B 238 -9.02 -14.42 4.50
C ALA B 238 -7.89 -13.44 4.19
N LEU B 239 -7.02 -13.20 5.17
CA LEU B 239 -5.79 -12.46 4.91
C LEU B 239 -4.81 -13.38 4.16
N PRO B 240 -3.76 -12.82 3.54
CA PRO B 240 -2.84 -13.69 2.81
C PRO B 240 -2.24 -14.77 3.73
N ALA B 241 -2.38 -16.03 3.33
CA ALA B 241 -1.86 -17.17 4.11
C ALA B 241 -0.39 -17.06 4.59
N PRO B 242 0.54 -16.54 3.76
CA PRO B 242 1.95 -16.41 4.16
C PRO B 242 2.21 -15.37 5.24
N HIS B 243 1.28 -14.42 5.42
CA HIS B 243 1.54 -13.28 6.29
C HIS B 243 1.67 -13.71 7.75
N ASN B 244 2.64 -13.13 8.44
CA ASN B 244 2.94 -13.47 9.83
C ASN B 244 1.70 -13.51 10.75
N PHE B 245 0.81 -12.52 10.60
CA PHE B 245 -0.46 -12.44 11.35
C PHE B 245 -1.35 -13.65 11.07
N MET B 246 -1.57 -13.92 9.78
CA MET B 246 -2.48 -14.98 9.36
C MET B 246 -1.87 -16.37 9.54
N LEU B 247 -0.54 -16.43 9.64
CA LEU B 247 0.17 -17.72 9.75
C LEU B 247 0.41 -18.13 11.21
N SER B 248 0.67 -17.14 12.07
CA SER B 248 1.22 -17.44 13.39
C SER B 248 0.64 -16.66 14.56
N SER B 249 -0.26 -15.70 14.31
CA SER B 249 -0.67 -14.79 15.38
C SER B 249 -2.16 -14.76 15.75
N PRO B 250 -2.75 -15.91 16.12
CA PRO B 250 -2.16 -17.25 16.22
C PRO B 250 -2.20 -17.96 14.87
N GLY B 251 -3.02 -17.47 13.94
CA GLY B 251 -3.00 -17.93 12.55
C GLY B 251 -3.31 -19.39 12.31
N ALA B 252 -3.06 -19.83 11.08
CA ALA B 252 -3.27 -21.22 10.70
C ALA B 252 -2.46 -22.22 11.57
N LEU B 253 -1.20 -21.90 11.84
CA LEU B 253 -0.34 -22.79 12.64
C LEU B 253 -0.83 -22.91 14.07
N GLY B 254 -1.29 -21.80 14.65
CA GLY B 254 -1.87 -21.81 15.99
C GLY B 254 -3.11 -22.68 16.08
N VAL B 255 -3.99 -22.58 15.09
CA VAL B 255 -5.19 -23.40 15.03
C VAL B 255 -4.85 -24.91 14.90
N LEU B 256 -3.90 -25.21 14.01
CA LEU B 256 -3.41 -26.58 13.84
C LEU B 256 -2.75 -27.10 15.13
N HIS B 257 -1.97 -26.25 15.79
CA HIS B 257 -1.38 -26.58 17.10
C HIS B 257 -2.46 -26.97 18.11
N ALA B 258 -3.62 -26.32 18.03
CA ALA B 258 -4.70 -26.56 18.98
C ALA B 258 -5.67 -27.65 18.53
N GLY B 259 -5.43 -28.23 17.36
CA GLY B 259 -6.28 -29.28 16.81
C GLY B 259 -7.58 -28.79 16.19
N GLY B 260 -7.66 -27.48 15.90
CA GLY B 260 -8.83 -26.92 15.23
C GLY B 260 -8.76 -27.04 13.71
N CYS B 261 -9.61 -26.28 13.03
CA CYS B 261 -9.69 -26.31 11.58
C CYS B 261 -9.53 -24.91 10.98
N VAL B 262 -8.80 -24.84 9.88
CA VAL B 262 -8.58 -23.60 9.15
C VAL B 262 -9.52 -23.61 7.93
N VAL B 263 -10.25 -22.52 7.73
CA VAL B 263 -11.22 -22.40 6.64
C VAL B 263 -10.76 -21.31 5.66
N MET B 264 -10.41 -21.71 4.45
CA MET B 264 -9.82 -20.80 3.46
C MET B 264 -10.86 -19.84 2.84
N ALA B 265 -10.42 -18.61 2.59
CA ALA B 265 -11.16 -17.66 1.76
C ALA B 265 -10.15 -17.02 0.82
N PRO B 266 -10.56 -16.68 -0.42
CA PRO B 266 -9.58 -16.14 -1.35
C PRO B 266 -9.04 -14.75 -0.93
N ASN B 267 -9.88 -13.94 -0.28
CA ASN B 267 -9.53 -12.59 0.18
C ASN B 267 -10.58 -12.14 1.20
N PRO B 268 -10.47 -10.90 1.74
CA PRO B 268 -11.45 -10.44 2.73
C PRO B 268 -12.75 -9.82 2.19
N GLU B 269 -13.05 -9.95 0.90
CA GLU B 269 -14.34 -9.42 0.34
C GLU B 269 -15.51 -9.90 1.20
N PRO B 270 -16.33 -8.97 1.71
CA PRO B 270 -17.33 -9.31 2.73
C PRO B 270 -18.37 -10.34 2.31
N LEU B 271 -18.96 -10.21 1.13
CA LEU B 271 -20.11 -11.09 0.81
C LEU B 271 -19.65 -12.53 0.70
N ASN B 272 -18.54 -12.74 0.00
CA ASN B 272 -17.96 -14.08 -0.12
C ASN B 272 -17.55 -14.65 1.24
N CYS B 273 -16.85 -13.85 2.06
CA CYS B 273 -16.45 -14.29 3.40
C CYS B 273 -17.66 -14.65 4.26
N PHE B 274 -18.69 -13.79 4.21
CA PHE B 274 -19.92 -14.02 4.96
C PHE B 274 -20.51 -15.38 4.61
N SER B 275 -20.49 -15.71 3.32
CA SER B 275 -21.05 -16.96 2.83
C SER B 275 -20.22 -18.16 3.32
N ILE B 276 -18.89 -18.01 3.30
CA ILE B 276 -17.97 -19.05 3.78
C ILE B 276 -18.16 -19.24 5.29
N ILE B 277 -18.26 -18.14 6.03
CA ILE B 277 -18.47 -18.19 7.47
C ILE B 277 -19.74 -18.96 7.83
N GLN B 278 -20.83 -18.70 7.11
CA GLN B 278 -22.08 -19.42 7.34
C GLN B 278 -21.96 -20.91 6.96
N ARG B 279 -21.41 -21.18 5.79
CA ARG B 279 -21.37 -22.55 5.29
C ARG B 279 -20.61 -23.48 6.23
N HIS B 280 -19.49 -22.99 6.76
CA HIS B 280 -18.60 -23.86 7.54
C HIS B 280 -18.60 -23.55 9.03
N GLN B 281 -19.47 -22.62 9.43
CA GLN B 281 -19.65 -22.27 10.85
C GLN B 281 -18.36 -21.78 11.50
N VAL B 282 -17.70 -20.84 10.83
CA VAL B 282 -16.47 -20.22 11.31
C VAL B 282 -16.77 -19.47 12.60
N ASN B 283 -15.93 -19.67 13.62
CA ASN B 283 -16.13 -18.95 14.88
C ASN B 283 -15.00 -17.96 15.20
N MET B 284 -13.98 -17.93 14.35
CA MET B 284 -12.90 -16.96 14.52
C MET B 284 -12.43 -16.41 13.17
N ALA B 285 -12.09 -15.12 13.13
CA ALA B 285 -11.51 -14.51 11.95
C ALA B 285 -10.45 -13.50 12.34
N SER B 286 -9.64 -13.11 11.38
CA SER B 286 -8.52 -12.20 11.60
C SER B 286 -8.48 -11.25 10.42
N LEU B 287 -8.51 -9.95 10.69
CA LEU B 287 -8.57 -8.93 9.63
C LEU B 287 -7.66 -7.75 9.91
N VAL B 288 -7.42 -6.97 8.86
CA VAL B 288 -6.83 -5.65 9.01
C VAL B 288 -7.98 -4.61 9.00
N PRO B 289 -7.73 -3.41 9.56
CA PRO B 289 -8.77 -2.39 9.70
C PRO B 289 -9.53 -2.09 8.40
N SER B 290 -8.81 -1.98 7.28
CA SER B 290 -9.45 -1.74 5.98
C SER B 290 -10.51 -2.81 5.64
N ALA B 291 -10.24 -4.06 5.99
CA ALA B 291 -11.17 -5.15 5.75
C ALA B 291 -12.35 -5.10 6.72
N VAL B 292 -12.06 -4.77 7.98
CA VAL B 292 -13.10 -4.60 9.01
C VAL B 292 -14.16 -3.58 8.56
N ILE B 293 -13.71 -2.47 7.98
CA ILE B 293 -14.61 -1.41 7.50
C ILE B 293 -15.57 -1.96 6.45
N MET B 294 -15.05 -2.72 5.48
CA MET B 294 -15.87 -3.41 4.47
C MET B 294 -16.93 -4.31 5.08
N TRP B 295 -16.52 -5.12 6.06
CA TRP B 295 -17.43 -6.01 6.78
C TRP B 295 -18.50 -5.24 7.53
N LEU B 296 -18.08 -4.18 8.24
CA LEU B 296 -19.01 -3.34 9.00
C LEU B 296 -20.08 -2.71 8.10
N GLU B 297 -19.69 -2.27 6.91
CA GLU B 297 -20.61 -1.64 5.96
C GLU B 297 -21.67 -2.59 5.44
N LYS B 298 -21.36 -3.88 5.40
CA LYS B 298 -22.29 -4.88 4.84
C LYS B 298 -23.00 -5.73 5.88
N ALA B 299 -22.48 -5.77 7.10
CA ALA B 299 -22.94 -6.74 8.12
C ALA B 299 -24.43 -6.66 8.49
N ALA B 300 -25.00 -5.46 8.45
CA ALA B 300 -26.40 -5.23 8.85
C ALA B 300 -27.41 -6.09 8.08
N GLN B 301 -27.20 -6.22 6.78
CA GLN B 301 -28.06 -7.06 5.96
C GLN B 301 -27.76 -8.56 6.11
N TYR B 302 -26.61 -8.90 6.69
CA TYR B 302 -26.14 -10.29 6.68
C TYR B 302 -25.79 -10.84 8.05
N LYS B 303 -26.43 -10.31 9.10
CA LYS B 303 -26.19 -10.72 10.49
C LYS B 303 -26.20 -12.25 10.67
N ASP B 304 -27.22 -12.91 10.12
CA ASP B 304 -27.38 -14.36 10.29
C ASP B 304 -26.23 -15.15 9.66
N GLN B 305 -25.70 -14.66 8.53
CA GLN B 305 -24.59 -15.33 7.88
C GLN B 305 -23.33 -15.37 8.75
N ILE B 306 -23.18 -14.38 9.63
CA ILE B 306 -21.97 -14.30 10.44
C ILE B 306 -22.22 -14.53 11.92
N GLN B 307 -23.39 -15.06 12.28
CA GLN B 307 -23.73 -15.22 13.70
C GLN B 307 -22.75 -16.14 14.45
N SER B 308 -22.24 -17.17 13.76
CA SER B 308 -21.30 -18.12 14.39
C SER B 308 -19.96 -17.51 14.85
N LEU B 309 -19.59 -16.33 14.36
CA LEU B 309 -18.36 -15.67 14.80
C LEU B 309 -18.37 -15.43 16.30
N LYS B 310 -17.32 -15.86 16.99
CA LYS B 310 -17.18 -15.60 18.42
C LYS B 310 -16.02 -14.65 18.71
N LEU B 311 -15.01 -14.63 17.85
CA LEU B 311 -13.84 -13.80 18.08
C LEU B 311 -13.28 -13.26 16.78
N LEU B 312 -12.99 -11.96 16.77
CA LEU B 312 -12.34 -11.32 15.65
C LEU B 312 -11.06 -10.63 16.12
N GLN B 313 -9.93 -11.01 15.53
CA GLN B 313 -8.68 -10.25 15.71
C GLN B 313 -8.59 -9.13 14.69
N VAL B 314 -8.11 -7.99 15.13
CA VAL B 314 -7.82 -6.89 14.21
C VAL B 314 -6.39 -6.45 14.46
N GLY B 315 -5.57 -6.47 13.42
CA GLY B 315 -4.20 -5.97 13.53
C GLY B 315 -3.68 -5.39 12.24
N GLY B 316 -2.46 -4.85 12.29
CA GLY B 316 -1.76 -4.49 11.06
C GLY B 316 -1.64 -3.00 10.82
N ALA B 317 -2.58 -2.23 11.37
CA ALA B 317 -2.65 -0.79 11.10
C ALA B 317 -3.52 -0.06 12.11
N SER B 318 -3.59 1.26 11.96
CA SER B 318 -4.38 2.09 12.87
C SER B 318 -5.83 1.65 12.93
N PHE B 319 -6.33 1.48 14.16
CA PHE B 319 -7.68 1.00 14.37
C PHE B 319 -8.34 1.85 15.47
N PRO B 320 -8.97 2.97 15.08
CA PRO B 320 -9.51 3.87 16.13
C PRO B 320 -10.61 3.25 17.00
N GLU B 321 -10.71 3.73 18.23
CA GLU B 321 -11.71 3.28 19.19
C GLU B 321 -13.14 3.24 18.63
N SER B 322 -13.51 4.25 17.83
CA SER B 322 -14.87 4.31 17.26
C SER B 322 -15.16 3.17 16.31
N LEU B 323 -14.14 2.63 15.65
CA LEU B 323 -14.31 1.44 14.82
C LEU B 323 -14.32 0.20 15.69
N ALA B 324 -13.37 0.13 16.62
CA ALA B 324 -13.26 -0.97 17.57
C ALA B 324 -14.58 -1.26 18.29
N ARG B 325 -15.23 -0.20 18.78
CA ARG B 325 -16.49 -0.37 19.54
C ARG B 325 -17.63 -0.94 18.70
N GLN B 326 -17.54 -0.79 17.39
CA GLN B 326 -18.56 -1.31 16.49
C GLN B 326 -18.48 -2.82 16.29
N VAL B 327 -17.35 -3.43 16.62
CA VAL B 327 -17.18 -4.86 16.38
C VAL B 327 -18.20 -5.72 17.14
N PRO B 328 -18.25 -5.63 18.48
CA PRO B 328 -19.26 -6.45 19.18
C PRO B 328 -20.71 -6.01 18.87
N GLU B 329 -20.92 -4.72 18.61
CA GLU B 329 -22.24 -4.19 18.30
C GLU B 329 -22.74 -4.63 16.91
N VAL B 330 -21.87 -4.52 15.90
CA VAL B 330 -22.27 -4.78 14.53
C VAL B 330 -22.00 -6.21 14.07
N LEU B 331 -20.89 -6.79 14.50
CA LEU B 331 -20.49 -8.12 14.03
C LEU B 331 -20.87 -9.24 15.00
N ASN B 332 -21.38 -8.86 16.17
CA ASN B 332 -21.82 -9.81 17.20
C ASN B 332 -20.78 -10.84 17.64
N CYS B 333 -19.56 -10.36 17.90
CA CYS B 333 -18.46 -11.20 18.33
C CYS B 333 -17.51 -10.39 19.20
N LYS B 334 -16.64 -11.07 19.93
CA LYS B 334 -15.65 -10.38 20.74
C LYS B 334 -14.53 -9.84 19.87
N LEU B 335 -13.89 -8.78 20.34
CA LEU B 335 -12.75 -8.17 19.65
C LEU B 335 -11.45 -8.52 20.38
N GLN B 336 -10.42 -8.80 19.60
CA GLN B 336 -9.06 -8.82 20.12
C GLN B 336 -8.17 -7.97 19.20
N GLN B 337 -7.45 -7.01 19.78
CA GLN B 337 -6.50 -6.21 19.00
C GLN B 337 -5.13 -6.85 19.03
N VAL B 338 -4.44 -6.80 17.88
CA VAL B 338 -3.13 -7.44 17.75
C VAL B 338 -2.15 -6.45 17.11
N PHE B 339 -1.07 -6.17 17.82
CA PHE B 339 0.02 -5.34 17.29
C PHE B 339 1.28 -6.20 17.21
N GLY B 340 1.61 -6.64 16.00
CA GLY B 340 2.75 -7.52 15.79
C GLY B 340 3.61 -7.08 14.63
N MET B 341 4.70 -7.80 14.43
CA MET B 341 5.62 -7.53 13.35
C MET B 341 6.25 -8.85 12.92
N ALA B 342 6.52 -8.98 11.62
CA ALA B 342 7.10 -10.19 11.06
C ALA B 342 8.48 -10.46 11.65
N GLU B 343 9.12 -9.39 12.12
CA GLU B 343 10.43 -9.46 12.75
C GLU B 343 10.37 -10.18 14.11
N GLY B 344 9.19 -10.29 14.70
CA GLY B 344 9.07 -10.93 16.02
C GLY B 344 7.88 -10.54 16.86
N LEU B 345 8.15 -9.67 17.84
CA LEU B 345 7.19 -9.23 18.85
C LEU B 345 5.74 -9.17 18.41
N VAL B 346 4.87 -9.88 19.13
CA VAL B 346 3.42 -9.76 18.93
C VAL B 346 2.77 -9.41 20.25
N ASN B 347 1.86 -8.42 20.21
CA ASN B 347 1.07 -8.02 21.37
C ASN B 347 -0.39 -8.34 21.11
N TYR B 348 -1.07 -8.83 22.15
CA TYR B 348 -2.50 -9.14 22.09
C TYR B 348 -3.15 -8.48 23.27
N THR B 349 -4.34 -7.91 23.04
CA THR B 349 -5.26 -7.67 24.16
C THR B 349 -5.72 -9.06 24.61
N ARG B 350 -5.89 -9.23 25.92
CA ARG B 350 -6.27 -10.54 26.44
C ARG B 350 -7.78 -10.70 26.43
N LEU B 351 -8.24 -11.94 26.36
CA LEU B 351 -9.68 -12.23 26.28
C LEU B 351 -10.45 -11.80 27.53
N ASP B 352 -9.72 -11.57 28.62
CA ASP B 352 -10.33 -11.05 29.85
C ASP B 352 -9.89 -9.61 30.17
N ASP B 353 -9.35 -8.90 29.18
CA ASP B 353 -9.04 -7.48 29.33
C ASP B 353 -10.33 -6.69 29.51
N SER B 354 -10.24 -5.49 30.07
CA SER B 354 -11.40 -4.62 30.26
C SER B 354 -11.82 -4.04 28.92
N ASP B 355 -13.03 -3.49 28.87
CA ASP B 355 -13.51 -2.81 27.66
C ASP B 355 -12.58 -1.69 27.21
N GLU B 356 -12.07 -0.92 28.16
CA GLU B 356 -11.15 0.16 27.85
C GLU B 356 -9.86 -0.38 27.19
N GLN B 357 -9.28 -1.42 27.78
CA GLN B 357 -8.08 -2.06 27.22
C GLN B 357 -8.31 -2.60 25.81
N ILE B 358 -9.43 -3.29 25.61
CA ILE B 358 -9.77 -3.91 24.33
C ILE B 358 -10.08 -2.89 23.23
N PHE B 359 -10.80 -1.82 23.57
CA PHE B 359 -11.24 -0.84 22.55
C PHE B 359 -10.24 0.27 22.27
N THR B 360 -9.27 0.48 23.18
CA THR B 360 -8.35 1.63 23.05
C THR B 360 -6.85 1.27 23.13
N THR B 361 -6.52 -0.01 23.30
CA THR B 361 -5.09 -0.42 23.34
C THR B 361 -4.82 -1.55 22.35
N GLN B 362 -3.54 -1.77 22.06
CA GLN B 362 -3.11 -2.82 21.14
C GLN B 362 -2.42 -3.97 21.91
N GLY B 363 -2.76 -4.08 23.20
CA GLY B 363 -2.42 -5.26 24.00
C GLY B 363 -1.03 -5.27 24.61
N ARG B 364 -0.58 -6.47 24.95
CA ARG B 364 0.73 -6.61 25.58
C ARG B 364 1.43 -7.86 25.08
N PRO B 365 2.76 -7.95 25.29
CA PRO B 365 3.55 -9.01 24.63
C PRO B 365 3.14 -10.43 24.96
N ILE B 366 3.38 -11.32 24.00
CA ILE B 366 3.23 -12.76 24.23
C ILE B 366 3.97 -13.23 25.49
N SER B 367 5.22 -12.81 25.61
CA SER B 367 6.14 -13.42 26.59
C SER B 367 6.49 -12.49 27.73
N SER B 368 6.59 -13.05 28.94
CA SER B 368 7.20 -12.32 30.07
C SER B 368 8.65 -11.95 29.75
N ASP B 369 9.25 -12.68 28.81
CA ASP B 369 10.62 -12.38 28.39
C ASP B 369 10.74 -11.58 27.07
N ASP B 370 9.62 -11.03 26.60
CA ASP B 370 9.68 -9.99 25.59
C ASP B 370 10.13 -8.71 26.31
N GLU B 371 11.35 -8.27 26.04
CA GLU B 371 11.88 -7.09 26.71
C GLU B 371 11.60 -5.88 25.84
N ILE B 372 11.15 -4.81 26.48
CA ILE B 372 10.67 -3.62 25.80
C ILE B 372 11.40 -2.40 26.34
N LYS B 373 11.97 -1.60 25.45
CA LYS B 373 12.33 -0.23 25.78
C LYS B 373 11.54 0.76 24.93
N ILE B 374 11.08 1.83 25.56
CA ILE B 374 10.39 2.93 24.88
C ILE B 374 11.25 4.17 25.05
N VAL B 375 11.83 4.65 23.96
CA VAL B 375 12.94 5.60 24.04
C VAL B 375 12.73 6.90 23.26
N ASP B 376 13.38 7.96 23.76
CA ASP B 376 13.36 9.28 23.13
C ASP B 376 14.41 9.39 22.04
N GLU B 377 14.54 10.60 21.47
CA GLU B 377 15.48 10.91 20.38
C GLU B 377 16.93 10.53 20.70
N GLN B 378 17.27 10.52 21.99
CA GLN B 378 18.62 10.18 22.46
C GLN B 378 18.77 8.72 22.86
N TYR B 379 17.75 7.92 22.57
CA TYR B 379 17.72 6.48 22.89
C TYR B 379 17.76 6.23 24.41
N ARG B 380 17.27 7.22 25.16
CA ARG B 380 17.07 7.10 26.60
C ARG B 380 15.61 6.75 26.85
N GLU B 381 15.37 5.85 27.80
CA GLU B 381 14.00 5.43 28.12
C GLU B 381 13.18 6.61 28.61
N VAL B 382 11.95 6.70 28.12
CA VAL B 382 11.08 7.83 28.44
C VAL B 382 10.48 7.65 29.84
N PRO B 383 10.03 8.77 30.45
CA PRO B 383 9.25 8.63 31.68
C PRO B 383 8.01 7.78 31.44
N GLU B 384 7.71 6.90 32.39
CA GLU B 384 6.60 5.97 32.27
C GLU B 384 5.36 6.62 31.65
N GLY B 385 4.83 6.01 30.59
CA GLY B 385 3.57 6.47 29.96
C GLY B 385 3.71 7.50 28.85
N GLU B 386 4.91 8.03 28.65
CA GLU B 386 5.17 8.97 27.54
C GLU B 386 5.37 8.23 26.22
N ILE B 387 5.24 8.97 25.12
CA ILE B 387 5.41 8.41 23.78
C ILE B 387 6.89 8.30 23.45
N GLY B 388 7.30 7.14 22.94
CA GLY B 388 8.67 6.96 22.45
C GLY B 388 8.78 5.86 21.40
N MET B 389 10.00 5.64 20.90
CA MET B 389 10.24 4.61 19.89
C MET B 389 10.32 3.25 20.56
N LEU B 390 9.67 2.25 19.96
CA LEU B 390 9.74 0.90 20.48
C LEU B 390 11.05 0.20 20.12
N ALA B 391 11.74 -0.31 21.14
CA ALA B 391 12.87 -1.24 20.95
C ALA B 391 12.53 -2.54 21.69
N THR B 392 12.88 -3.67 21.09
CA THR B 392 12.47 -4.96 21.65
C THR B 392 13.45 -6.09 21.32
N ARG B 393 13.56 -7.04 22.25
CA ARG B 393 14.24 -8.31 21.98
C ARG B 393 13.51 -9.36 22.80
N GLY B 394 13.56 -10.61 22.36
CA GLY B 394 12.86 -11.67 23.08
C GLY B 394 13.07 -13.04 22.45
N PRO B 395 12.30 -14.03 22.91
CA PRO B 395 12.51 -15.42 22.48
C PRO B 395 12.02 -15.75 21.07
N TYR B 396 11.27 -14.85 20.42
CA TYR B 396 10.85 -15.07 19.01
C TYR B 396 11.10 -13.82 18.12
N THR B 397 11.90 -12.90 18.64
CA THR B 397 12.33 -11.73 17.86
C THR B 397 13.69 -11.98 17.25
N PHE B 398 13.77 -11.77 15.94
CA PHE B 398 14.99 -12.07 15.16
C PHE B 398 16.17 -11.21 15.61
N CYS B 399 17.37 -11.58 15.15
CA CYS B 399 18.60 -10.87 15.52
C CYS B 399 19.26 -10.20 14.31
N GLY B 400 18.56 -10.23 13.16
CA GLY B 400 19.05 -9.54 11.95
C GLY B 400 18.43 -10.07 10.67
N TYR B 401 18.26 -9.19 9.68
CA TYR B 401 17.77 -9.59 8.36
C TYR B 401 18.83 -10.44 7.66
N TYR B 402 18.37 -11.33 6.78
CA TYR B 402 19.23 -12.18 5.98
C TYR B 402 20.20 -11.36 5.12
N GLN B 403 21.49 -11.67 5.25
CA GLN B 403 22.55 -11.08 4.41
C GLN B 403 22.49 -9.55 4.36
N SER B 404 22.24 -8.90 5.48
CA SER B 404 22.09 -7.45 5.51
C SER B 404 22.83 -6.79 6.67
N PRO B 405 24.17 -6.99 6.77
CA PRO B 405 24.90 -6.45 7.91
C PRO B 405 24.84 -4.92 8.04
N GLU B 406 24.78 -4.20 6.91
CA GLU B 406 24.68 -2.74 6.96
C GLU B 406 23.34 -2.27 7.54
N HIS B 407 22.24 -2.79 7.00
CA HIS B 407 20.93 -2.45 7.54
C HIS B 407 20.76 -2.89 8.99
N ASN B 408 21.22 -4.09 9.31
CA ASN B 408 21.14 -4.62 10.68
C ASN B 408 21.81 -3.69 11.70
N SER B 409 22.95 -3.11 11.33
CA SER B 409 23.64 -2.17 12.22
C SER B 409 22.85 -0.87 12.44
N GLN B 410 21.86 -0.60 11.59
CA GLN B 410 21.01 0.61 11.71
C GLN B 410 19.79 0.38 12.60
N VAL B 411 19.42 -0.87 12.82
CA VAL B 411 18.12 -1.16 13.45
C VAL B 411 18.23 -1.98 14.73
N PHE B 412 19.46 -2.34 15.09
CA PHE B 412 19.76 -3.02 16.35
C PHE B 412 20.74 -2.18 17.17
N ASP B 413 20.51 -2.07 18.48
CA ASP B 413 21.51 -1.43 19.33
C ASP B 413 22.54 -2.46 19.82
N GLU B 414 23.51 -2.01 20.64
CA GLU B 414 24.59 -2.87 21.13
C GLU B 414 24.05 -4.03 21.97
N ASP B 415 22.93 -3.81 22.65
CA ASP B 415 22.28 -4.88 23.42
C ASP B 415 21.35 -5.75 22.58
N ASN B 416 21.44 -5.61 21.25
CA ASN B 416 20.64 -6.39 20.30
C ASN B 416 19.12 -6.19 20.42
N TYR B 417 18.69 -5.03 20.89
CA TYR B 417 17.28 -4.65 20.79
C TYR B 417 17.01 -4.24 19.34
N TYR B 418 15.88 -4.68 18.80
CA TYR B 418 15.45 -4.29 17.46
C TYR B 418 14.57 -3.05 17.54
N TYR B 419 14.81 -2.08 16.66
CA TYR B 419 14.02 -0.84 16.59
C TYR B 419 13.08 -0.89 15.39
N SER B 420 11.79 -1.06 15.68
CA SER B 420 10.77 -1.25 14.66
C SER B 420 10.36 0.03 13.95
N GLY B 421 10.77 1.18 14.48
CA GLY B 421 10.26 2.46 13.99
C GLY B 421 8.85 2.81 14.44
N ASP B 422 8.23 1.98 15.26
CA ASP B 422 6.91 2.31 15.82
C ASP B 422 7.01 3.24 17.04
N LEU B 423 6.15 4.26 17.07
CA LEU B 423 6.00 5.10 18.26
C LEU B 423 4.87 4.53 19.08
N VAL B 424 5.12 4.34 20.38
CA VAL B 424 4.16 3.70 21.27
C VAL B 424 4.18 4.39 22.64
N GLN B 425 3.17 4.11 23.44
CA GLN B 425 3.17 4.47 24.85
C GLN B 425 2.57 3.34 25.67
N ARG B 426 3.14 3.13 26.85
CA ARG B 426 2.60 2.16 27.81
C ARG B 426 1.42 2.80 28.53
N THR B 427 0.30 2.10 28.56
CA THR B 427 -0.89 2.60 29.26
C THR B 427 -0.83 2.17 30.73
N PRO B 428 -1.48 2.93 31.64
CA PRO B 428 -1.37 2.61 33.08
C PRO B 428 -1.74 1.15 33.39
N ASP B 429 -2.70 0.61 32.64
CA ASP B 429 -3.14 -0.78 32.75
C ASP B 429 -2.09 -1.87 32.38
N GLY B 430 -0.97 -1.48 31.78
CA GLY B 430 0.09 -2.43 31.39
C GLY B 430 0.20 -2.72 29.89
N ASN B 431 -0.84 -2.37 29.14
CA ASN B 431 -0.86 -2.56 27.67
C ASN B 431 -0.09 -1.47 26.92
N LEU B 432 -0.02 -1.62 25.60
CA LEU B 432 0.61 -0.65 24.71
C LEU B 432 -0.42 0.00 23.80
N ARG B 433 -0.18 1.26 23.46
CA ARG B 433 -0.92 1.96 22.42
C ARG B 433 0.06 2.36 21.33
N VAL B 434 -0.19 1.92 20.09
CA VAL B 434 0.61 2.35 18.97
C VAL B 434 0.09 3.71 18.50
N VAL B 435 1.01 4.65 18.32
CA VAL B 435 0.65 6.04 18.18
C VAL B 435 1.20 6.68 16.89
N GLY B 436 2.28 6.10 16.35
CA GLY B 436 2.92 6.64 15.15
C GLY B 436 4.10 5.83 14.64
N ARG B 437 4.87 6.46 13.76
CA ARG B 437 6.06 5.91 13.11
C ARG B 437 7.12 6.96 13.19
N ILE B 438 8.38 6.56 13.35
CA ILE B 438 9.51 7.49 13.32
C ILE B 438 10.78 6.77 12.87
N LYS B 439 11.62 7.47 12.11
CA LYS B 439 12.95 6.94 11.74
C LYS B 439 14.07 7.69 12.46
N ASP B 440 15.29 7.12 12.43
CA ASP B 440 16.47 7.72 13.06
C ASP B 440 16.75 9.13 12.54
S IXN C . -0.44 12.50 -0.50
N1 IXN C . 8.82 12.37 2.64
C2 IXN C . 8.08 11.71 3.58
N3 IXN C . 6.74 11.69 3.51
C4 IXN C . 6.12 12.32 2.46
C5 IXN C . 6.85 12.98 1.49
C6 IXN C . 8.25 13.00 1.60
N6 IXN C . 9.03 13.66 0.69
N7 IXN C . 5.96 13.49 0.60
C8 IXN C . 4.71 13.14 1.03
N9 IXN C . 4.83 12.43 2.16
O9 IXN C . 2.41 12.32 -1.24
C1' IXN C . 3.75 11.80 2.97
O1P IXN C . -1.68 13.16 -0.18
C1S IXN C . 2.46 14.40 -2.37
C2' IXN C . 3.41 12.66 4.18
O2' IXN C . 2.99 11.79 5.26
C21 IXN C . 1.77 13.32 -1.57
O2P IXN C . -0.70 11.30 -1.26
C2S IXN C . 1.75 15.50 -2.88
O2S IXN C . 0.41 15.64 -2.64
C3' IXN C . 2.26 13.47 3.65
O3' IXN C . 1.40 13.95 4.68
N33 IXN C . 8.72 11.09 4.60
N34 IXN C . 10.11 11.17 4.68
N35 IXN C . 10.38 10.42 5.82
C36 IXN C . 9.22 9.94 6.35
C37 IXN C . 8.14 10.38 5.57
C38 IXN C . 9.20 9.12 7.63
C39 IXN C . 8.22 7.96 7.64
C3S IXN C . 2.39 16.49 -3.62
C4' IXN C . 1.53 12.45 2.79
O4' IXN C . 2.56 11.66 2.20
C40 IXN C . 8.52 7.01 8.80
C41 IXN C . 9.72 6.08 8.56
C42 IXN C . 9.72 4.86 9.48
C43 IXN C . 10.92 3.95 9.15
C44 IXN C . 11.09 2.82 10.16
C45 IXN C . 12.42 2.91 10.91
C46 IXN C . 13.56 2.18 10.18
C4S IXN C . 3.77 16.37 -3.89
C5' IXN C . 0.67 13.08 1.71
O5' IXN C . 0.22 12.04 0.82
C5S IXN C . 4.47 15.26 -3.38
C6S IXN C . 3.82 14.28 -2.63
NHS IXN C . 0.49 13.53 -1.27
CA CA D . 27.15 9.56 -13.29
CA CA E . -1.95 15.82 -33.43
CA CA F . 21.09 13.83 -17.76
C1 MPD G . 13.99 20.12 -17.48
C2 MPD G . 13.33 21.44 -17.09
O2 MPD G . 12.61 21.94 -18.25
CM MPD G . 12.35 21.17 -15.95
C3 MPD G . 14.36 22.52 -16.72
C4 MPD G . 14.94 22.30 -15.32
O4 MPD G . 15.99 21.36 -15.42
C5 MPD G . 15.44 23.61 -14.71
S IXN H . 4.00 -6.69 9.55
N1 IXN H . -1.69 -0.95 15.12
C2 IXN H . -0.88 -0.11 14.43
N3 IXN H . 0.12 -0.60 13.67
C4 IXN H . 0.29 -1.95 13.57
C5 IXN H . -0.54 -2.81 14.27
C6 IXN H . -1.55 -2.29 15.05
N6 IXN H . -2.41 -3.10 15.74
N7 IXN H . -0.13 -4.07 13.98
C8 IXN H . 0.93 -3.97 13.14
N9 IXN H . 1.17 -2.67 12.90
O9 IXN H . 1.33 -6.25 10.67
C1' IXN H . 2.23 -2.08 12.03
O1P IXN H . 5.37 -7.12 9.58
C1S IXN H . 1.37 -8.15 12.11
C2' IXN H . 3.42 -1.63 12.85
O2' IXN H . 4.02 -0.50 12.22
C21 IXN H . 1.97 -7.22 11.09
O2P IXN H . 3.40 -6.82 8.25
C2S IXN H . 2.05 -9.31 12.53
O2S IXN H . 3.26 -9.64 11.99
C3' IXN H . 4.35 -2.82 12.74
O3' IXN H . 5.71 -2.48 12.99
N33 IXN H . -1.06 1.22 14.53
N34 IXN H . -2.06 1.73 15.34
N35 IXN H . -1.91 3.10 15.17
C36 IXN H . -0.89 3.35 14.31
C37 IXN H . -0.33 2.14 13.90
C38 IXN H . -0.46 4.76 13.95
C39 IXN H . -0.44 5.04 12.45
C3S IXN H . 1.51 -10.17 13.48
C4' IXN H . 4.12 -3.28 11.31
O4' IXN H . 2.70 -3.07 11.10
C40 IXN H . 0.00 6.49 12.21
C41 IXN H . -1.16 7.40 11.83
C4S IXN H . 0.27 -9.87 14.05
C5' IXN H . 4.46 -4.74 11.17
O5' IXN H . 3.98 -5.19 9.90
C5S IXN H . -0.41 -8.71 13.66
C6S IXN H . 0.14 -7.85 12.70
NHS IXN H . 3.21 -7.51 10.68
CA CA I . -21.60 -14.32 17.21
CA CA J . -10.98 -35.71 3.57
CA CA K . 21.15 -31.42 -5.02
C1 MRD L . -13.59 -19.10 18.73
C2 MRD L . -12.58 -19.73 19.69
O2 MRD L . -12.61 -21.17 19.46
CM MRD L . -11.18 -19.23 19.37
C3 MRD L . -12.96 -19.50 21.15
C4 MRD L . -13.04 -18.03 21.57
O4 MRD L . -12.14 -17.80 22.64
C5 MRD L . -14.45 -17.62 21.99
#